data_9EBI
#
_entry.id   9EBI
#
_cell.length_a   1.00
_cell.length_b   1.00
_cell.length_c   1.00
_cell.angle_alpha   90.00
_cell.angle_beta   90.00
_cell.angle_gamma   90.00
#
_symmetry.space_group_name_H-M   'P 1'
#
loop_
_entity.id
_entity.type
_entity.pdbx_description
1 polymer 'Adenosine receptor A3'
2 polymer 'mini-Gs/i chimera'
3 polymer 'Guanine nucleotide-binding protein G(I)/G(S)/G(T) subunit beta-1'
4 polymer 'Guanine nucleotide-binding protein G(I)/G(S)/G(O) subunit gamma-2'
5 polymer Nb35
6 non-polymer Piclidenoson
#
loop_
_entity_poly.entity_id
_entity_poly.type
_entity_poly.pdbx_seq_one_letter_code
_entity_poly.pdbx_strand_id
1 'polypeptide(L)'
;DYKDDDDAANFTPVNGSSGNQSVRLVTSSSLEVLFQGPPNNSTALSLANVTYITMEIFIGLCAIVGNVLVICVVKLNPSL
QTTTFYFIVSLALADIAVGVLVMPLAIVVSLGITIHFYSCLFMTCLLLIFTHASIMSLLAIAVDRYLRVKLTVRYKRVTT
HRRIWLALGLCWLVSFLVGLTPMFGWNMKLTSEYHRNVTFLSCQFVSVMRMDYMVYFSFLTWIFIPLVVMCAIYLDIFYI
IRNKLSLNLSNSKETGAFYGREFKTAKSLFLVLFLFALSWLPLSIINCIIYFNGEVPQLVLYMGILLSHANSMMNPIVYA
YKIKKFKETYLLILKACVVCHPSDSLDTSIEKNSEHHHHHHHH
;
R
2 'polypeptide(L)'
;GGGSLEVLFQGPGCTLSAEDKAAVERSKMIDRNLREDGEKAAREVKLLLLGADNSGKSTIVKQMRILHGGSGGSGGTSGI
FETKFQVDKVNFHMFDVGGQRDERRKWIQCFNDVTAIIFVVDSSDYNRLQEALNLFKSIWNNRWLRTISVILFLNKQDLL
AEKVLAGKSKIEDYFPEFARYTTPEDATPEPGEDPRVTRAKYFIRDEFLRISTASGDGRHYCYPHFTCAVDTENARRIFN
DVTDIIIKMNLRDCGLF
;
A
3 'polypeptide(L)'
;HHHHHHGSSGSELDQLRQEAEQLKNQIRDARKACADATLSQITNNIDPVGRIQMRTRRTLRGHLAKIYAMHWGTDSRLLV
SASQDGKLIIWDSYTTNKVHAIPLRSSWVMTCAYAPSGNYVACGGLDNICSIYNLKTREGNVRVSRELAGHTGYLSCCRF
LDDNQIVTSSGDTTCALWDIETGQQTTTFTGHTGDVMSLSLAPDTRLFVSGACDASAKLWDVREGMCRQTFTGHESDINA
ICFFPNGNAFATGSDDATCRLFDLRADQELMTYSHDNIICGITSVSFSKSGRLLLAGYDDFNCNVWDALKADRAGVLAGH
DNRVSCLGVTDDGMAVATGSWDSFLKIWN
;
B
4 'polypeptide(L)' ASNNTASIAQARKLVEQLKMEANIDRIKVSKAAADLMAYCEAHAKEDPLLTPVPASENPFREKKFFCAIL G
5 'polypeptide(L)'
;QVQLQESGGGLVQPGGSLRLSCAASGFTFSNYKMNWVRQAPGKGLEWVSDISQSGASISYTGSVKGRFTISRDNAKNTLY
LQMNSLKPEDTAVYYCARCPAPFTRDCFDVTSTTYAYRGQGTQVTVSS
;
N
#
# COMPACT_ATOMS: atom_id res chain seq x y z
N SER A 46 -26.99 15.03 -52.52
CA SER A 46 -26.88 14.51 -51.17
C SER A 46 -25.49 13.92 -50.92
N LEU A 47 -24.49 14.47 -51.59
CA LEU A 47 -23.12 13.98 -51.44
C LEU A 47 -22.56 14.32 -50.08
N ALA A 48 -22.83 15.53 -49.58
CA ALA A 48 -22.37 15.91 -48.25
C ALA A 48 -23.17 15.21 -47.16
N ASN A 49 -24.45 14.94 -47.41
CA ASN A 49 -25.28 14.26 -46.42
C ASN A 49 -24.85 12.82 -46.20
N VAL A 50 -24.42 12.14 -47.26
CA VAL A 50 -23.92 10.77 -47.13
C VAL A 50 -22.63 10.74 -46.30
N THR A 51 -21.72 11.66 -46.57
CA THR A 51 -20.48 11.76 -45.79
C THR A 51 -20.75 12.16 -44.35
N TYR A 52 -21.75 13.00 -44.11
CA TYR A 52 -22.12 13.38 -42.75
C TYR A 52 -22.67 12.21 -41.95
N ILE A 53 -23.53 11.40 -42.56
CA ILE A 53 -24.13 10.24 -41.89
C ILE A 53 -23.07 9.18 -41.62
N THR A 54 -22.21 8.90 -42.61
CA THR A 54 -21.15 7.92 -42.45
C THR A 54 -20.10 8.34 -41.43
N MET A 55 -19.98 9.64 -41.17
CA MET A 55 -19.07 10.10 -40.13
C MET A 55 -19.71 10.17 -38.75
N GLU A 56 -21.03 10.42 -38.67
CA GLU A 56 -21.74 10.36 -37.38
C GLU A 56 -21.68 8.95 -36.78
N ILE A 57 -21.81 7.93 -37.63
CA ILE A 57 -21.68 6.54 -37.18
C ILE A 57 -20.29 6.29 -36.63
N PHE A 58 -19.25 6.78 -37.34
CA PHE A 58 -17.87 6.64 -36.87
C PHE A 58 -17.65 7.35 -35.54
N ILE A 59 -18.17 8.57 -35.41
CA ILE A 59 -18.11 9.27 -34.13
C ILE A 59 -18.94 8.55 -33.07
N GLY A 60 -20.15 8.10 -33.45
CA GLY A 60 -21.03 7.43 -32.51
C GLY A 60 -20.52 6.10 -32.01
N LEU A 61 -20.00 5.25 -32.91
CA LEU A 61 -19.48 3.95 -32.49
C LEU A 61 -18.23 4.10 -31.63
N CYS A 62 -17.37 5.07 -31.94
CA CYS A 62 -16.24 5.36 -31.07
C CYS A 62 -16.71 5.86 -29.70
N ALA A 63 -17.75 6.68 -29.68
CA ALA A 63 -18.30 7.20 -28.43
C ALA A 63 -18.82 6.08 -27.52
N ILE A 64 -19.70 5.22 -28.06
CA ILE A 64 -20.26 4.11 -27.28
C ILE A 64 -19.17 3.16 -26.77
N VAL A 65 -18.29 2.66 -27.67
CA VAL A 65 -17.27 1.68 -27.30
C VAL A 65 -16.32 2.25 -26.24
N GLY A 66 -15.85 3.47 -26.46
CA GLY A 66 -14.92 4.09 -25.51
C GLY A 66 -15.50 4.31 -24.13
N ASN A 67 -16.72 4.85 -24.07
CA ASN A 67 -17.32 5.19 -22.79
C ASN A 67 -17.94 4.00 -22.06
N VAL A 68 -18.24 2.89 -22.75
CA VAL A 68 -18.69 1.69 -22.03
C VAL A 68 -17.52 1.09 -21.27
N LEU A 69 -16.33 1.07 -21.89
CA LEU A 69 -15.09 0.64 -21.23
C LEU A 69 -14.75 1.48 -20.01
N VAL A 70 -15.25 2.72 -19.92
CA VAL A 70 -15.05 3.50 -18.71
C VAL A 70 -15.89 2.95 -17.57
N ILE A 71 -17.19 2.74 -17.81
CA ILE A 71 -18.09 2.25 -16.78
C ILE A 71 -17.78 0.80 -16.39
N CYS A 72 -17.17 0.04 -17.30
CA CYS A 72 -16.74 -1.33 -16.97
C CYS A 72 -15.59 -1.33 -15.98
N VAL A 73 -14.50 -0.61 -16.31
CA VAL A 73 -13.33 -0.47 -15.43
C VAL A 73 -13.74 0.00 -14.03
N VAL A 74 -14.61 1.02 -13.97
CA VAL A 74 -15.08 1.53 -12.67
C VAL A 74 -15.91 0.47 -11.94
N LYS A 75 -16.63 -0.38 -12.67
CA LYS A 75 -17.44 -1.40 -12.01
C LYS A 75 -16.64 -2.66 -11.71
N LEU A 76 -15.66 -3.00 -12.54
CA LEU A 76 -14.87 -4.21 -12.31
C LEU A 76 -13.77 -4.00 -11.28
N ASN A 77 -13.34 -2.76 -11.06
CA ASN A 77 -12.43 -2.47 -9.97
C ASN A 77 -13.18 -1.69 -8.90
N PRO A 78 -13.40 -2.28 -7.72
CA PRO A 78 -14.03 -1.51 -6.63
C PRO A 78 -13.18 -0.37 -6.09
N SER A 79 -11.88 -0.37 -6.33
CA SER A 79 -11.03 0.73 -5.85
C SER A 79 -11.26 2.01 -6.64
N LEU A 80 -11.73 1.89 -7.88
CA LEU A 80 -12.01 3.06 -8.71
C LEU A 80 -13.40 3.62 -8.47
N GLN A 81 -14.17 3.07 -7.53
CA GLN A 81 -15.46 3.65 -7.13
C GLN A 81 -15.23 4.71 -6.05
N THR A 82 -14.45 5.71 -6.45
CA THR A 82 -13.98 6.81 -5.62
C THR A 82 -14.86 8.02 -5.93
N THR A 83 -14.65 9.13 -5.21
CA THR A 83 -15.38 10.37 -5.45
C THR A 83 -15.03 10.97 -6.80
N THR A 84 -13.82 10.73 -7.28
CA THR A 84 -13.38 11.24 -8.58
C THR A 84 -14.19 10.66 -9.75
N PHE A 85 -14.43 9.35 -9.73
CA PHE A 85 -15.04 8.68 -10.87
C PHE A 85 -16.56 8.73 -10.88
N TYR A 86 -17.22 9.32 -9.88
CA TYR A 86 -18.66 9.49 -9.99
C TYR A 86 -19.01 10.53 -11.03
N PHE A 87 -18.18 11.58 -11.12
CA PHE A 87 -18.33 12.57 -12.17
C PHE A 87 -17.94 12.02 -13.53
N ILE A 88 -16.96 11.11 -13.57
CA ILE A 88 -16.55 10.48 -14.83
C ILE A 88 -17.63 9.52 -15.32
N VAL A 89 -18.22 8.74 -14.41
CA VAL A 89 -19.31 7.82 -14.77
C VAL A 89 -20.54 8.60 -15.24
N SER A 90 -20.88 9.68 -14.53
CA SER A 90 -21.96 10.57 -14.95
C SER A 90 -21.69 11.17 -16.32
N LEU A 91 -20.43 11.55 -16.56
CA LEU A 91 -20.04 12.02 -17.89
C LEU A 91 -20.15 10.89 -18.92
N ALA A 92 -19.72 9.68 -18.54
CA ALA A 92 -19.76 8.54 -19.46
C ALA A 92 -21.19 8.15 -19.83
N LEU A 93 -22.12 8.22 -18.87
CA LEU A 93 -23.52 7.94 -19.15
C LEU A 93 -24.10 8.93 -20.15
N ALA A 94 -23.75 10.21 -20.02
CA ALA A 94 -24.17 11.21 -20.99
C ALA A 94 -23.56 10.96 -22.37
N ASP A 95 -22.27 10.62 -22.41
CA ASP A 95 -21.61 10.35 -23.69
C ASP A 95 -22.14 9.10 -24.38
N ILE A 96 -22.48 8.06 -23.61
CA ILE A 96 -23.14 6.90 -24.19
C ILE A 96 -24.51 7.28 -24.73
N ALA A 97 -25.23 8.13 -23.99
CA ALA A 97 -26.53 8.63 -24.42
C ALA A 97 -26.42 9.45 -25.71
N VAL A 98 -25.29 10.13 -25.92
CA VAL A 98 -25.05 10.78 -27.20
C VAL A 98 -24.92 9.75 -28.31
N GLY A 99 -24.17 8.68 -28.06
CA GLY A 99 -23.95 7.68 -29.08
C GLY A 99 -25.19 6.87 -29.46
N VAL A 100 -26.04 6.54 -28.49
CA VAL A 100 -27.17 5.66 -28.76
C VAL A 100 -28.47 6.45 -28.97
N LEU A 101 -28.68 7.55 -28.27
CA LEU A 101 -29.93 8.30 -28.43
C LEU A 101 -29.81 9.59 -29.24
N VAL A 102 -28.62 10.18 -29.34
CA VAL A 102 -28.45 11.43 -30.08
C VAL A 102 -27.90 11.19 -31.48
N MET A 103 -26.93 10.29 -31.62
CA MET A 103 -26.38 9.98 -32.95
C MET A 103 -27.41 9.38 -33.91
N PRO A 104 -28.18 8.32 -33.59
CA PRO A 104 -29.23 7.90 -34.54
C PRO A 104 -30.29 8.96 -34.81
N LEU A 105 -30.64 9.77 -33.81
CA LEU A 105 -31.64 10.80 -34.01
C LEU A 105 -31.08 12.03 -34.72
N ALA A 106 -29.77 12.24 -34.71
CA ALA A 106 -29.21 13.30 -35.54
C ALA A 106 -29.28 12.92 -37.02
N ILE A 107 -29.28 11.63 -37.32
CA ILE A 107 -29.46 11.18 -38.69
C ILE A 107 -30.90 11.41 -39.14
N VAL A 108 -31.87 11.09 -38.27
CA VAL A 108 -33.29 11.17 -38.61
C VAL A 108 -33.72 12.62 -38.84
N VAL A 109 -33.17 13.55 -38.05
CA VAL A 109 -33.43 14.97 -38.26
C VAL A 109 -32.72 15.50 -39.51
N SER A 110 -31.78 14.75 -40.07
CA SER A 110 -31.14 15.17 -41.31
C SER A 110 -31.79 14.55 -42.53
N LEU A 111 -32.43 13.38 -42.38
CA LEU A 111 -33.10 12.76 -43.52
C LEU A 111 -34.41 13.46 -43.89
N GLY A 112 -35.03 14.17 -42.94
CA GLY A 112 -36.28 14.85 -43.21
C GLY A 112 -37.48 13.95 -43.40
N ILE A 113 -37.65 12.94 -42.55
CA ILE A 113 -38.78 12.03 -42.67
C ILE A 113 -40.05 12.73 -42.20
N THR A 114 -41.14 12.52 -42.93
CA THR A 114 -42.41 13.19 -42.66
C THR A 114 -43.06 12.55 -41.43
N ILE A 115 -42.81 13.15 -40.27
CA ILE A 115 -43.45 12.75 -39.02
C ILE A 115 -44.14 13.96 -38.42
N HIS A 116 -44.81 13.78 -37.29
CA HIS A 116 -45.53 14.86 -36.63
C HIS A 116 -44.54 15.88 -36.08
N PHE A 117 -45.03 17.12 -35.88
CA PHE A 117 -44.21 18.19 -35.33
C PHE A 117 -43.69 17.84 -33.95
N TYR A 118 -44.56 17.30 -33.08
CA TYR A 118 -44.14 16.99 -31.72
C TYR A 118 -43.26 15.75 -31.69
N SER A 119 -43.50 14.80 -32.59
CA SER A 119 -42.61 13.65 -32.74
C SER A 119 -41.22 14.10 -33.19
N CYS A 120 -41.16 15.06 -34.11
CA CYS A 120 -39.87 15.62 -34.52
C CYS A 120 -39.28 16.48 -33.41
N LEU A 121 -40.14 17.21 -32.68
CA LEU A 121 -39.66 18.03 -31.57
C LEU A 121 -39.05 17.18 -30.46
N PHE A 122 -39.70 16.07 -30.12
CA PHE A 122 -39.17 15.17 -29.10
C PHE A 122 -37.86 14.52 -29.53
N MET A 123 -37.69 14.26 -30.82
CA MET A 123 -36.41 13.77 -31.32
C MET A 123 -35.33 14.82 -31.21
N THR A 124 -35.64 16.06 -31.60
CA THR A 124 -34.69 17.15 -31.47
C THR A 124 -34.46 17.56 -30.02
N CYS A 125 -35.48 17.41 -29.17
CA CYS A 125 -35.29 17.66 -27.74
C CYS A 125 -34.35 16.63 -27.12
N LEU A 126 -34.44 15.37 -27.54
CA LEU A 126 -33.49 14.35 -27.11
C LEU A 126 -32.07 14.64 -27.58
N LEU A 127 -31.91 15.44 -28.64
CA LEU A 127 -30.56 15.83 -29.06
C LEU A 127 -29.97 16.83 -28.09
N LEU A 128 -30.82 17.60 -27.42
CA LEU A 128 -30.36 18.64 -26.50
C LEU A 128 -30.32 18.19 -25.05
N ILE A 129 -31.08 17.15 -24.67
CA ILE A 129 -31.01 16.64 -23.30
C ILE A 129 -29.65 16.01 -23.05
N PHE A 130 -29.31 15.00 -23.83
CA PHE A 130 -28.11 14.21 -23.61
C PHE A 130 -26.83 14.90 -24.05
N THR A 131 -26.91 15.97 -24.83
CA THR A 131 -25.72 16.74 -25.14
C THR A 131 -25.47 17.82 -24.10
N HIS A 132 -26.53 18.34 -23.47
CA HIS A 132 -26.33 19.29 -22.39
C HIS A 132 -25.99 18.57 -21.11
N ALA A 133 -26.32 17.28 -21.03
CA ALA A 133 -25.93 16.48 -19.88
C ALA A 133 -24.44 16.23 -19.90
N SER A 134 -23.87 16.04 -21.09
CA SER A 134 -22.42 15.98 -21.24
C SER A 134 -21.77 17.30 -20.85
N ILE A 135 -22.39 18.43 -21.24
CA ILE A 135 -21.84 19.75 -20.91
C ILE A 135 -21.92 20.02 -19.41
N MET A 136 -23.02 19.61 -18.76
CA MET A 136 -23.15 19.85 -17.33
C MET A 136 -22.27 18.90 -16.54
N SER A 137 -22.06 17.68 -17.05
CA SER A 137 -21.10 16.77 -16.43
C SER A 137 -19.67 17.32 -16.50
N LEU A 138 -19.32 17.98 -17.61
CA LEU A 138 -18.01 18.64 -17.69
C LEU A 138 -17.93 19.81 -16.73
N LEU A 139 -19.04 20.52 -16.53
CA LEU A 139 -19.08 21.55 -15.50
C LEU A 139 -18.98 20.92 -14.12
N ALA A 140 -19.60 19.75 -13.93
CA ALA A 140 -19.53 19.05 -12.66
C ALA A 140 -18.12 18.60 -12.32
N ILE A 141 -17.36 18.14 -13.32
CA ILE A 141 -15.96 17.81 -13.12
C ILE A 141 -15.16 19.05 -12.75
N ALA A 142 -15.41 20.17 -13.45
CA ALA A 142 -14.69 21.42 -13.18
C ALA A 142 -14.98 21.94 -11.77
N VAL A 143 -16.24 21.92 -11.35
CA VAL A 143 -16.59 22.34 -9.99
C VAL A 143 -15.98 21.40 -8.96
N ASP A 144 -15.99 20.09 -9.22
CA ASP A 144 -15.35 19.12 -8.34
C ASP A 144 -13.84 19.36 -8.24
N ARG A 145 -13.18 19.62 -9.37
CA ARG A 145 -11.77 19.96 -9.35
C ARG A 145 -11.51 21.31 -8.70
N TYR A 146 -12.49 22.20 -8.69
CA TYR A 146 -12.34 23.46 -7.98
C TYR A 146 -12.43 23.25 -6.48
N LEU A 147 -13.32 22.35 -6.04
CA LEU A 147 -13.43 22.05 -4.61
C LEU A 147 -12.21 21.32 -4.08
N ARG A 148 -11.43 20.66 -4.93
CA ARG A 148 -10.19 20.04 -4.47
C ARG A 148 -9.14 21.10 -4.15
N VAL A 149 -9.13 22.19 -4.91
CA VAL A 149 -8.17 23.26 -4.72
C VAL A 149 -8.63 24.32 -3.72
N LYS A 150 -9.95 24.48 -3.53
CA LYS A 150 -10.45 25.52 -2.63
C LYS A 150 -10.89 25.02 -1.27
N LEU A 151 -11.54 23.85 -1.20
CA LEU A 151 -11.95 23.33 0.10
C LEU A 151 -10.77 22.71 0.87
N THR A 152 -9.70 22.36 0.15
CA THR A 152 -8.44 21.81 0.68
C THR A 152 -8.74 20.57 1.51
N VAL A 153 -8.24 20.48 2.75
CA VAL A 153 -8.40 19.33 3.64
C VAL A 153 -9.85 18.92 3.85
N ARG A 154 -10.79 19.87 3.74
CA ARG A 154 -12.19 19.62 4.01
C ARG A 154 -12.94 19.06 2.81
N TYR A 155 -12.24 18.77 1.70
CA TYR A 155 -12.90 18.34 0.46
C TYR A 155 -13.64 17.02 0.65
N LYS A 156 -12.97 16.01 1.19
CA LYS A 156 -13.54 14.68 1.33
C LYS A 156 -14.45 14.55 2.54
N ARG A 157 -14.79 15.66 3.20
CA ARG A 157 -15.66 15.67 4.37
C ARG A 157 -17.03 16.25 4.07
N VAL A 158 -17.09 17.36 3.35
CA VAL A 158 -18.37 17.96 2.99
C VAL A 158 -18.94 17.34 1.72
N THR A 159 -18.09 16.95 0.77
CA THR A 159 -18.56 16.34 -0.48
C THR A 159 -18.75 14.84 -0.27
N THR A 160 -19.78 14.52 0.51
CA THR A 160 -20.17 13.13 0.74
C THR A 160 -20.80 12.55 -0.54
N HIS A 161 -20.96 11.23 -0.53
CA HIS A 161 -21.63 10.54 -1.64
C HIS A 161 -23.07 11.00 -1.82
N ARG A 162 -23.73 11.39 -0.72
CA ARG A 162 -25.12 11.85 -0.80
C ARG A 162 -25.22 13.17 -1.58
N ARG A 163 -24.33 14.12 -1.29
CA ARG A 163 -24.42 15.43 -1.94
C ARG A 163 -23.86 15.43 -3.35
N ILE A 164 -23.07 14.43 -3.73
CA ILE A 164 -22.62 14.33 -5.11
C ILE A 164 -23.71 13.76 -6.00
N TRP A 165 -24.44 12.77 -5.48
CA TRP A 165 -25.58 12.20 -6.22
C TRP A 165 -26.66 13.25 -6.42
N LEU A 166 -26.90 14.09 -5.41
CA LEU A 166 -27.80 15.23 -5.58
C LEU A 166 -27.24 16.23 -6.58
N ALA A 167 -25.93 16.48 -6.54
CA ALA A 167 -25.31 17.41 -7.50
C ALA A 167 -25.34 16.84 -8.92
N LEU A 168 -24.97 15.57 -9.08
CA LEU A 168 -25.04 14.92 -10.39
C LEU A 168 -26.48 14.73 -10.83
N GLY A 169 -27.39 14.48 -9.89
CA GLY A 169 -28.78 14.36 -10.23
C GLY A 169 -29.40 15.69 -10.65
N LEU A 170 -29.00 16.78 -9.95
CA LEU A 170 -29.45 18.12 -10.34
C LEU A 170 -28.96 18.49 -11.73
N CYS A 171 -27.69 18.17 -12.04
CA CYS A 171 -27.14 18.41 -13.37
C CYS A 171 -27.94 17.69 -14.44
N TRP A 172 -28.19 16.39 -14.25
CA TRP A 172 -29.05 15.64 -15.17
C TRP A 172 -30.48 16.18 -15.19
N LEU A 173 -30.99 16.63 -14.03
CA LEU A 173 -32.32 17.23 -13.99
C LEU A 173 -32.36 18.54 -14.75
N VAL A 174 -31.37 19.41 -14.56
CA VAL A 174 -31.28 20.64 -15.34
C VAL A 174 -31.10 20.33 -16.83
N SER A 175 -30.33 19.27 -17.14
CA SER A 175 -30.15 18.81 -18.52
C SER A 175 -31.47 18.45 -19.18
N PHE A 176 -32.31 17.70 -18.46
CA PHE A 176 -33.65 17.40 -18.97
C PHE A 176 -34.49 18.66 -19.10
N LEU A 177 -34.49 19.53 -18.09
CA LEU A 177 -35.30 20.75 -18.13
C LEU A 177 -34.81 21.75 -19.18
N VAL A 178 -33.52 21.74 -19.53
CA VAL A 178 -33.07 22.53 -20.67
C VAL A 178 -33.58 21.92 -21.95
N GLY A 179 -33.42 20.60 -22.09
CA GLY A 179 -33.84 19.94 -23.31
C GLY A 179 -35.33 19.82 -23.48
N LEU A 180 -36.11 19.90 -22.39
CA LEU A 180 -37.56 19.79 -22.47
C LEU A 180 -38.21 21.16 -22.38
N THR A 181 -37.42 22.22 -22.56
CA THR A 181 -38.00 23.56 -22.67
C THR A 181 -38.76 23.76 -23.98
N PRO A 182 -38.28 23.35 -25.18
CA PRO A 182 -39.13 23.51 -26.39
C PRO A 182 -40.44 22.74 -26.34
N MET A 183 -40.54 21.70 -25.49
CA MET A 183 -41.77 20.93 -25.36
C MET A 183 -42.81 21.69 -24.56
N PHE A 184 -42.42 22.80 -23.93
CA PHE A 184 -43.30 23.62 -23.11
C PHE A 184 -43.41 25.03 -23.68
N GLY A 185 -43.71 25.14 -24.98
CA GLY A 185 -44.02 26.42 -25.58
C GLY A 185 -42.86 27.29 -26.04
N TRP A 186 -41.64 26.79 -26.08
CA TRP A 186 -40.59 27.46 -26.85
C TRP A 186 -40.41 26.85 -28.24
N ASN A 187 -41.33 25.98 -28.65
CA ASN A 187 -41.34 25.44 -30.00
C ASN A 187 -41.70 26.52 -31.02
N MET A 188 -41.49 26.19 -32.30
CA MET A 188 -41.75 27.12 -33.40
C MET A 188 -43.24 27.39 -33.60
N LYS A 189 -44.12 26.55 -33.05
CA LYS A 189 -45.57 26.76 -33.04
C LYS A 189 -46.00 28.14 -32.53
N LEU A 190 -45.21 28.74 -31.62
CA LEU A 190 -45.56 30.02 -31.01
C LEU A 190 -44.98 31.21 -31.77
N THR A 191 -44.03 30.97 -32.70
CA THR A 191 -43.44 32.04 -33.50
C THR A 191 -44.48 32.75 -34.36
N SER A 192 -45.29 31.98 -35.09
CA SER A 192 -46.23 32.55 -36.05
C SER A 192 -47.57 31.85 -35.91
N GLU A 193 -48.55 32.35 -36.66
CA GLU A 193 -49.83 31.68 -36.80
C GLU A 193 -49.84 30.65 -37.92
N TYR A 194 -48.73 30.52 -38.66
CA TYR A 194 -48.64 29.48 -39.69
C TYR A 194 -48.29 28.13 -39.06
N HIS A 195 -47.45 28.14 -38.03
CA HIS A 195 -46.98 26.91 -37.44
C HIS A 195 -47.96 26.27 -36.47
N ARG A 196 -49.05 26.98 -36.12
CA ARG A 196 -50.05 26.42 -35.22
C ARG A 196 -50.78 25.23 -35.83
N ASN A 197 -51.11 25.29 -37.12
CA ASN A 197 -51.91 24.25 -37.76
C ASN A 197 -51.10 23.25 -38.58
N VAL A 198 -49.77 23.28 -38.51
CA VAL A 198 -48.95 22.41 -39.36
C VAL A 198 -48.73 21.07 -38.64
N THR A 199 -49.33 20.01 -39.18
CA THR A 199 -49.08 18.66 -38.74
C THR A 199 -48.51 17.83 -39.87
N PHE A 200 -47.62 16.90 -39.51
CA PHE A 200 -46.91 16.00 -40.43
C PHE A 200 -46.09 16.79 -41.46
N LEU A 201 -45.13 17.54 -40.93
CA LEU A 201 -44.10 18.22 -41.72
C LEU A 201 -42.82 17.38 -41.79
N SER A 202 -41.96 17.74 -42.74
CA SER A 202 -40.67 17.06 -42.86
C SER A 202 -39.77 17.45 -41.69
N CYS A 203 -39.13 16.46 -41.08
CA CYS A 203 -38.45 16.65 -39.81
C CYS A 203 -37.06 17.21 -40.07
N GLN A 204 -36.96 18.54 -40.06
CA GLN A 204 -35.71 19.27 -40.07
C GLN A 204 -35.59 20.13 -38.83
N PHE A 205 -34.35 20.35 -38.40
CA PHE A 205 -34.07 21.14 -37.20
C PHE A 205 -34.55 22.58 -37.36
N VAL A 206 -34.34 23.15 -38.55
CA VAL A 206 -34.67 24.55 -38.82
C VAL A 206 -36.16 24.81 -38.69
N SER A 207 -36.98 23.84 -39.09
CA SER A 207 -38.43 24.04 -39.12
C SER A 207 -39.10 23.82 -37.78
N VAL A 208 -38.45 23.13 -36.85
CA VAL A 208 -39.07 22.73 -35.60
C VAL A 208 -38.50 23.49 -34.40
N MET A 209 -37.20 23.77 -34.41
CA MET A 209 -36.57 24.41 -33.27
C MET A 209 -36.42 25.91 -33.52
N ARG A 210 -36.46 26.68 -32.43
CA ARG A 210 -36.39 28.12 -32.50
C ARG A 210 -34.98 28.60 -32.20
N MET A 211 -34.57 29.66 -32.87
CA MET A 211 -33.23 30.18 -32.67
C MET A 211 -33.13 31.03 -31.42
N ASP A 212 -34.27 31.44 -30.86
CA ASP A 212 -34.28 32.14 -29.57
C ASP A 212 -33.78 31.21 -28.47
N TYR A 213 -34.17 29.94 -28.53
CA TYR A 213 -33.75 28.99 -27.51
C TYR A 213 -32.30 28.59 -27.73
N MET A 214 -31.90 28.41 -28.99
CA MET A 214 -30.56 27.92 -29.28
C MET A 214 -29.48 28.97 -29.05
N VAL A 215 -29.79 30.24 -29.23
CA VAL A 215 -28.81 31.29 -28.98
C VAL A 215 -28.90 31.83 -27.56
N TYR A 216 -30.10 32.12 -27.06
CA TYR A 216 -30.17 32.78 -25.76
C TYR A 216 -30.20 31.79 -24.60
N PHE A 217 -30.88 30.66 -24.76
CA PHE A 217 -31.00 29.71 -23.67
C PHE A 217 -30.00 28.57 -23.79
N SER A 218 -29.87 27.98 -24.98
CA SER A 218 -28.99 26.82 -25.12
C SER A 218 -27.51 27.20 -25.16
N PHE A 219 -27.15 28.37 -25.69
CA PHE A 219 -25.74 28.76 -25.72
C PHE A 219 -25.37 29.84 -24.73
N LEU A 220 -26.21 30.84 -24.48
CA LEU A 220 -25.74 31.94 -23.65
C LEU A 220 -25.94 31.66 -22.18
N THR A 221 -26.87 30.78 -21.84
CA THR A 221 -27.13 30.43 -20.45
C THR A 221 -26.44 29.14 -20.05
N TRP A 222 -26.50 28.12 -20.91
CA TRP A 222 -26.06 26.79 -20.55
C TRP A 222 -24.76 26.31 -21.20
N ILE A 223 -24.21 27.01 -22.19
CA ILE A 223 -22.91 26.68 -22.75
C ILE A 223 -21.88 27.78 -22.54
N PHE A 224 -22.28 29.05 -22.64
CA PHE A 224 -21.31 30.11 -22.43
C PHE A 224 -21.03 30.36 -20.95
N ILE A 225 -22.08 30.41 -20.13
CA ILE A 225 -21.88 30.60 -18.69
C ILE A 225 -21.08 29.48 -18.04
N PRO A 226 -21.36 28.17 -18.30
CA PRO A 226 -20.40 27.14 -17.84
C PRO A 226 -19.00 27.28 -18.40
N LEU A 227 -18.85 27.69 -19.66
CA LEU A 227 -17.50 27.86 -20.23
C LEU A 227 -16.74 28.99 -19.52
N VAL A 228 -17.42 30.09 -19.21
CA VAL A 228 -16.80 31.15 -18.43
C VAL A 228 -16.44 30.64 -17.03
N VAL A 229 -17.34 29.87 -16.42
CA VAL A 229 -17.05 29.24 -15.14
C VAL A 229 -15.89 28.24 -15.25
N MET A 230 -15.92 27.39 -16.30
CA MET A 230 -14.84 26.44 -16.52
C MET A 230 -13.51 27.12 -16.79
N CYS A 231 -13.52 28.21 -17.58
CA CYS A 231 -12.31 29.01 -17.74
C CYS A 231 -11.88 29.65 -16.42
N ALA A 232 -12.84 30.13 -15.63
CA ALA A 232 -12.51 30.72 -14.32
C ALA A 232 -11.95 29.67 -13.37
N ILE A 233 -12.51 28.46 -13.39
CA ILE A 233 -11.99 27.39 -12.54
C ILE A 233 -10.60 26.97 -12.99
N TYR A 234 -10.38 26.85 -14.29
CA TYR A 234 -9.13 26.27 -14.75
C TYR A 234 -8.01 27.29 -14.84
N LEU A 235 -8.33 28.57 -14.70
CA LEU A 235 -7.34 29.62 -14.53
C LEU A 235 -6.97 29.79 -13.07
N ASP A 236 -7.94 29.60 -12.17
CA ASP A 236 -7.66 29.65 -10.74
C ASP A 236 -6.87 28.42 -10.29
N ILE A 237 -7.18 27.24 -10.84
CA ILE A 237 -6.42 26.03 -10.53
C ILE A 237 -4.98 26.16 -11.02
N PHE A 238 -4.77 26.84 -12.15
CA PHE A 238 -3.42 26.98 -12.70
C PHE A 238 -2.57 27.91 -11.83
N TYR A 239 -3.19 28.94 -11.25
CA TYR A 239 -2.46 29.86 -10.40
C TYR A 239 -2.17 29.29 -9.01
N ILE A 240 -2.80 28.18 -8.63
CA ILE A 240 -2.49 27.55 -7.35
C ILE A 240 -1.40 26.50 -7.51
N ILE A 241 -1.44 25.72 -8.59
CA ILE A 241 -0.37 24.77 -8.89
C ILE A 241 0.94 25.48 -9.20
N ARG A 242 0.89 26.73 -9.64
CA ARG A 242 2.11 27.49 -9.87
C ARG A 242 2.65 28.12 -8.59
N ASN A 243 1.76 28.60 -7.71
CA ASN A 243 2.21 29.09 -6.41
C ASN A 243 2.47 27.98 -5.40
N LYS A 244 1.95 26.77 -5.64
CA LYS A 244 2.01 25.62 -4.73
C LYS A 244 1.57 25.93 -3.30
N PHE A 263 4.78 23.40 -17.25
CA PHE A 263 4.34 22.99 -18.57
C PHE A 263 3.47 21.75 -18.51
N LYS A 264 3.82 20.82 -17.61
CA LYS A 264 3.09 19.56 -17.50
C LYS A 264 1.74 19.71 -16.83
N THR A 265 1.44 20.88 -16.24
CA THR A 265 0.13 21.16 -15.68
C THR A 265 -0.71 22.11 -16.52
N ALA A 266 -0.06 23.04 -17.24
CA ALA A 266 -0.77 23.89 -18.19
C ALA A 266 -1.37 23.06 -19.33
N LYS A 267 -0.61 22.08 -19.82
CA LYS A 267 -1.06 21.18 -20.88
C LYS A 267 -2.36 20.47 -20.49
N SER A 268 -2.44 19.98 -19.25
CA SER A 268 -3.62 19.23 -18.82
C SER A 268 -4.84 20.14 -18.67
N LEU A 269 -4.64 21.34 -18.13
CA LEU A 269 -5.75 22.24 -17.88
C LEU A 269 -6.27 22.90 -19.15
N PHE A 270 -5.39 23.16 -20.11
CA PHE A 270 -5.81 23.79 -21.35
C PHE A 270 -6.58 22.81 -22.23
N LEU A 271 -6.09 21.56 -22.31
CA LEU A 271 -6.67 20.49 -23.12
C LEU A 271 -8.16 20.28 -22.84
N VAL A 272 -8.52 20.04 -21.57
CA VAL A 272 -9.91 19.85 -21.16
C VAL A 272 -10.77 21.07 -21.50
N LEU A 273 -10.17 22.26 -21.50
CA LEU A 273 -10.86 23.51 -21.80
C LEU A 273 -10.90 23.80 -23.30
N PHE A 274 -9.82 23.49 -24.02
CA PHE A 274 -9.79 23.73 -25.46
C PHE A 274 -10.72 22.76 -26.20
N LEU A 275 -10.75 21.49 -25.77
CA LEU A 275 -11.62 20.53 -26.44
C LEU A 275 -13.09 20.81 -26.19
N PHE A 276 -13.44 21.42 -25.06
CA PHE A 276 -14.79 21.90 -24.88
C PHE A 276 -15.09 23.01 -25.89
N ALA A 277 -14.16 23.95 -26.03
CA ALA A 277 -14.34 25.07 -26.96
C ALA A 277 -14.26 24.61 -28.41
N LEU A 278 -13.39 23.64 -28.71
CA LEU A 278 -13.33 23.09 -30.06
C LEU A 278 -14.59 22.31 -30.44
N SER A 279 -15.38 21.88 -29.46
CA SER A 279 -16.54 21.04 -29.73
C SER A 279 -17.87 21.76 -29.62
N TRP A 280 -17.95 22.87 -28.89
CA TRP A 280 -19.23 23.51 -28.65
C TRP A 280 -19.30 24.95 -29.13
N LEU A 281 -18.18 25.63 -29.29
CA LEU A 281 -18.17 26.95 -29.92
C LEU A 281 -18.41 26.95 -31.43
N PRO A 282 -17.79 26.06 -32.27
CA PRO A 282 -18.11 26.11 -33.71
C PRO A 282 -19.57 25.94 -34.08
N LEU A 283 -20.30 25.06 -33.41
CA LEU A 283 -21.73 24.95 -33.68
C LEU A 283 -22.50 26.16 -33.17
N SER A 284 -22.05 26.72 -32.05
CA SER A 284 -22.75 27.84 -31.43
C SER A 284 -22.55 29.14 -32.20
N ILE A 285 -21.35 29.35 -32.75
CA ILE A 285 -21.09 30.53 -33.58
C ILE A 285 -21.94 30.48 -34.84
N ILE A 286 -22.12 29.29 -35.42
CA ILE A 286 -22.98 29.11 -36.59
C ILE A 286 -24.42 29.50 -36.27
N ASN A 287 -24.92 29.07 -35.11
CA ASN A 287 -26.28 29.43 -34.71
C ASN A 287 -26.41 30.92 -34.41
N CYS A 288 -25.32 31.57 -34.01
CA CYS A 288 -25.34 33.02 -33.84
C CYS A 288 -25.30 33.77 -35.17
N ILE A 289 -24.62 33.22 -36.19
CA ILE A 289 -24.61 33.86 -37.51
C ILE A 289 -26.01 33.84 -38.13
N ILE A 290 -26.70 32.70 -38.06
CA ILE A 290 -28.01 32.59 -38.68
C ILE A 290 -29.06 33.37 -37.90
N TYR A 291 -28.82 33.64 -36.62
CA TYR A 291 -29.76 34.43 -35.84
C TYR A 291 -29.64 35.92 -36.14
N PHE A 292 -28.51 36.34 -36.70
CA PHE A 292 -28.28 37.75 -37.03
C PHE A 292 -28.47 38.04 -38.51
N ASN A 293 -29.22 37.16 -39.20
CA ASN A 293 -29.65 37.20 -40.61
C ASN A 293 -28.52 36.78 -41.53
N GLY A 294 -27.43 36.26 -40.99
CA GLY A 294 -26.33 35.76 -41.80
C GLY A 294 -26.67 34.44 -42.47
N GLU A 295 -25.68 33.91 -43.19
CA GLU A 295 -25.82 32.64 -43.88
C GLU A 295 -24.57 31.81 -43.64
N VAL A 296 -24.74 30.49 -43.63
CA VAL A 296 -23.67 29.54 -43.31
C VAL A 296 -23.74 28.42 -44.34
N PRO A 297 -22.61 27.97 -44.89
CA PRO A 297 -22.62 26.80 -45.76
C PRO A 297 -23.03 25.53 -45.03
N GLN A 298 -23.66 24.62 -45.76
CA GLN A 298 -24.15 23.39 -45.17
C GLN A 298 -23.02 22.44 -44.75
N LEU A 299 -21.90 22.46 -45.48
CA LEU A 299 -20.80 21.53 -45.16
C LEU A 299 -20.06 21.95 -43.89
N VAL A 300 -19.80 23.25 -43.72
CA VAL A 300 -19.19 23.72 -42.48
C VAL A 300 -20.18 23.56 -41.31
N LEU A 301 -21.49 23.60 -41.60
CA LEU A 301 -22.50 23.38 -40.58
C LEU A 301 -22.46 21.94 -40.06
N TYR A 302 -22.48 20.97 -40.97
CA TYR A 302 -22.37 19.55 -40.62
C TYR A 302 -21.14 19.25 -39.78
N MET A 303 -20.01 19.90 -40.10
CA MET A 303 -18.80 19.76 -39.30
C MET A 303 -19.02 20.25 -37.87
N GLY A 304 -19.81 21.31 -37.70
CA GLY A 304 -20.17 21.76 -36.35
C GLY A 304 -20.99 20.73 -35.59
N ILE A 305 -21.89 20.04 -36.28
CA ILE A 305 -22.70 19.00 -35.64
C ILE A 305 -21.83 17.79 -35.33
N LEU A 306 -20.87 17.48 -36.22
CA LEU A 306 -19.92 16.41 -35.95
C LEU A 306 -19.01 16.77 -34.78
N LEU A 307 -18.57 18.03 -34.72
CA LEU A 307 -17.73 18.48 -33.60
C LEU A 307 -18.50 18.45 -32.29
N SER A 308 -19.82 18.65 -32.33
CA SER A 308 -20.62 18.67 -31.11
C SER A 308 -20.77 17.27 -30.54
N HIS A 309 -20.73 16.25 -31.39
CA HIS A 309 -20.83 14.87 -30.94
C HIS A 309 -19.47 14.25 -30.75
N ALA A 310 -18.40 14.96 -31.12
CA ALA A 310 -17.04 14.46 -30.98
C ALA A 310 -16.54 14.65 -29.56
N ASN A 311 -17.15 15.55 -28.79
CA ASN A 311 -16.81 15.71 -27.38
C ASN A 311 -17.12 14.44 -26.61
N SER A 312 -18.24 13.79 -26.92
CA SER A 312 -18.64 12.53 -26.28
C SER A 312 -17.72 11.37 -26.64
N MET A 313 -16.85 11.53 -27.63
CA MET A 313 -15.92 10.50 -28.07
C MET A 313 -14.53 10.72 -27.49
N MET A 314 -14.13 11.97 -27.30
CA MET A 314 -12.80 12.30 -26.82
C MET A 314 -12.76 12.49 -25.30
N ASN A 315 -13.84 12.14 -24.61
CA ASN A 315 -13.93 12.31 -23.17
C ASN A 315 -13.21 11.22 -22.36
N PRO A 316 -13.27 9.90 -22.71
CA PRO A 316 -12.40 8.95 -21.98
C PRO A 316 -10.91 9.20 -22.13
N ILE A 317 -10.46 9.73 -23.27
CA ILE A 317 -9.04 9.90 -23.51
C ILE A 317 -8.50 11.16 -22.82
N VAL A 318 -9.36 12.14 -22.58
CA VAL A 318 -8.94 13.41 -21.99
C VAL A 318 -9.27 13.51 -20.50
N TYR A 319 -10.26 12.76 -20.01
CA TYR A 319 -10.63 12.80 -18.60
C TYR A 319 -10.30 11.51 -17.88
N ALA A 320 -10.77 10.37 -18.39
CA ALA A 320 -10.50 9.10 -17.70
C ALA A 320 -9.06 8.65 -17.89
N TYR A 321 -8.51 8.80 -19.10
CA TYR A 321 -7.17 8.29 -19.39
C TYR A 321 -6.07 9.08 -18.70
N LYS A 322 -6.32 10.34 -18.33
CA LYS A 322 -5.31 11.10 -17.58
C LYS A 322 -5.14 10.58 -16.16
N ILE A 323 -6.16 9.93 -15.62
CA ILE A 323 -6.06 9.37 -14.28
C ILE A 323 -5.20 8.12 -14.32
N LYS A 324 -4.20 8.06 -13.43
CA LYS A 324 -3.24 6.95 -13.42
C LYS A 324 -3.89 5.61 -13.08
N LYS A 325 -4.81 5.61 -12.11
CA LYS A 325 -5.50 4.39 -11.72
C LYS A 325 -6.35 3.83 -12.86
N PHE A 326 -6.97 4.72 -13.65
CA PHE A 326 -7.73 4.27 -14.81
C PHE A 326 -6.81 3.77 -15.92
N LYS A 327 -5.71 4.47 -16.18
CA LYS A 327 -4.82 4.12 -17.28
C LYS A 327 -4.07 2.82 -16.99
N GLU A 328 -3.88 2.50 -15.70
CA GLU A 328 -3.18 1.28 -15.32
C GLU A 328 -3.99 0.04 -15.70
N THR A 329 -5.31 0.08 -15.48
CA THR A 329 -6.16 -1.05 -15.84
C THR A 329 -6.36 -1.14 -17.34
N TYR A 330 -6.38 0.00 -18.02
CA TYR A 330 -6.50 0.02 -19.48
C TYR A 330 -5.12 0.14 -20.13
N SER B 17 -36.28 -18.14 6.53
CA SER B 17 -35.83 -16.83 6.07
C SER B 17 -36.14 -15.75 7.10
N ALA B 18 -36.74 -16.15 8.22
CA ALA B 18 -36.99 -15.21 9.30
C ALA B 18 -35.69 -14.78 9.97
N GLU B 19 -34.81 -15.75 10.26
CA GLU B 19 -33.50 -15.41 10.81
C GLU B 19 -32.56 -14.86 9.75
N ASP B 20 -32.77 -15.24 8.49
CA ASP B 20 -31.96 -14.70 7.39
C ASP B 20 -32.22 -13.22 7.19
N LYS B 21 -33.48 -12.80 7.30
CA LYS B 21 -33.83 -11.38 7.18
C LYS B 21 -33.24 -10.57 8.33
N ALA B 22 -33.26 -11.11 9.55
CA ALA B 22 -32.68 -10.43 10.70
C ALA B 22 -31.17 -10.27 10.56
N ALA B 23 -30.51 -11.26 9.96
CA ALA B 23 -29.07 -11.18 9.71
C ALA B 23 -28.73 -10.07 8.74
N VAL B 24 -29.53 -9.91 7.68
CA VAL B 24 -29.29 -8.82 6.72
C VAL B 24 -29.57 -7.46 7.35
N GLU B 25 -30.62 -7.39 8.19
CA GLU B 25 -30.91 -6.15 8.92
C GLU B 25 -29.80 -5.81 9.91
N ARG B 26 -29.26 -6.83 10.59
CA ARG B 26 -28.13 -6.61 11.47
C ARG B 26 -26.89 -6.18 10.70
N SER B 27 -26.66 -6.80 9.53
CA SER B 27 -25.52 -6.42 8.69
C SER B 27 -25.67 -5.00 8.15
N LYS B 28 -26.87 -4.63 7.72
CA LYS B 28 -27.12 -3.25 7.27
C LYS B 28 -26.97 -2.25 8.40
N MET B 29 -27.44 -2.61 9.60
CA MET B 29 -27.24 -1.76 10.78
C MET B 29 -25.76 -1.62 11.12
N ILE B 30 -25.02 -2.72 11.01
CA ILE B 30 -23.57 -2.69 11.23
C ILE B 30 -22.86 -1.87 10.17
N ASP B 31 -23.23 -2.07 8.90
CA ASP B 31 -22.64 -1.31 7.80
C ASP B 31 -22.96 0.17 7.90
N ARG B 32 -24.12 0.51 8.48
CA ARG B 32 -24.47 1.90 8.72
C ARG B 32 -23.51 2.54 9.72
N ASN B 33 -23.18 1.83 10.79
CA ASN B 33 -22.26 2.35 11.80
C ASN B 33 -20.84 2.47 11.28
N LEU B 34 -20.42 1.55 10.41
CA LEU B 34 -19.10 1.64 9.77
C LEU B 34 -18.99 2.88 8.91
N ARG B 35 -20.06 3.21 8.17
CA ARG B 35 -20.09 4.44 7.40
C ARG B 35 -20.02 5.66 8.30
N GLU B 36 -20.75 5.64 9.42
CA GLU B 36 -20.67 6.74 10.38
C GLU B 36 -19.28 6.86 10.99
N ASP B 37 -18.68 5.72 11.36
CA ASP B 37 -17.34 5.75 11.94
C ASP B 37 -16.29 6.08 10.90
N GLY B 38 -16.51 5.69 9.64
CA GLY B 38 -15.58 6.06 8.59
C GLY B 38 -15.58 7.55 8.30
N GLU B 39 -16.75 8.18 8.33
CA GLU B 39 -16.82 9.64 8.20
C GLU B 39 -16.13 10.34 9.36
N LYS B 40 -16.32 9.83 10.59
CA LYS B 40 -15.60 10.36 11.74
C LYS B 40 -14.10 10.13 11.61
N ALA B 41 -13.69 8.96 11.11
CA ALA B 41 -12.28 8.68 10.91
C ALA B 41 -11.68 9.54 9.81
N ALA B 42 -12.45 9.82 8.76
CA ALA B 42 -11.99 10.68 7.67
C ALA B 42 -11.78 12.12 8.10
N ARG B 43 -12.45 12.58 9.16
CA ARG B 43 -12.22 13.91 9.68
C ARG B 43 -10.92 14.02 10.48
N GLU B 44 -10.27 12.90 10.76
CA GLU B 44 -8.99 12.89 11.47
C GLU B 44 -7.86 12.69 10.48
N VAL B 45 -6.76 13.41 10.69
CA VAL B 45 -5.58 13.29 9.85
C VAL B 45 -4.54 12.50 10.63
N LYS B 46 -4.13 11.36 10.09
CA LYS B 46 -3.18 10.49 10.75
C LYS B 46 -1.76 10.85 10.33
N LEU B 47 -0.90 11.07 11.32
CA LEU B 47 0.48 11.45 11.09
C LEU B 47 1.39 10.49 11.84
N LEU B 48 2.51 10.15 11.23
CA LEU B 48 3.52 9.31 11.85
C LEU B 48 4.66 10.17 12.35
N LEU B 49 4.84 10.21 13.67
CA LEU B 49 5.91 10.97 14.29
C LEU B 49 7.14 10.09 14.42
N LEU B 50 8.20 10.44 13.70
CA LEU B 50 9.44 9.67 13.72
C LEU B 50 10.61 10.56 14.06
N GLY B 51 11.61 9.97 14.69
CA GLY B 51 12.81 10.68 15.06
C GLY B 51 13.55 9.92 16.14
N ALA B 52 14.79 10.34 16.35
CA ALA B 52 15.63 9.72 17.36
C ALA B 52 15.24 10.22 18.76
N ASP B 53 15.92 9.69 19.77
CA ASP B 53 15.65 10.09 21.15
C ASP B 53 16.04 11.54 21.40
N ASN B 54 17.14 11.99 20.79
CA ASN B 54 17.61 13.37 20.96
C ASN B 54 16.96 14.34 19.98
N SER B 55 16.07 13.85 19.10
CA SER B 55 15.43 14.71 18.10
C SER B 55 14.48 15.73 18.71
N GLY B 56 13.99 15.49 19.92
CA GLY B 56 12.98 16.35 20.50
C GLY B 56 11.65 16.30 19.79
N LYS B 57 11.27 15.12 19.30
CA LYS B 57 10.00 14.97 18.58
C LYS B 57 8.80 15.04 19.52
N SER B 58 8.98 14.80 20.82
CA SER B 58 7.88 14.88 21.76
C SER B 58 7.45 16.31 22.03
N THR B 59 8.29 17.30 21.73
CA THR B 59 8.01 18.70 22.00
C THR B 59 7.78 19.50 20.72
N ILE B 60 7.36 18.85 19.64
CA ILE B 60 7.16 19.56 18.37
C ILE B 60 5.89 20.40 18.42
N VAL B 61 4.75 19.77 18.67
CA VAL B 61 3.49 20.50 18.70
C VAL B 61 3.20 21.05 20.11
N LYS B 62 3.67 20.34 21.14
CA LYS B 62 3.49 20.69 22.55
C LYS B 62 2.01 20.81 22.91
N GLN B 63 1.29 19.70 22.71
CA GLN B 63 -0.14 19.64 23.00
C GLN B 63 -0.43 18.50 23.96
N SER B 78 1.00 1.87 27.74
CA SER B 78 2.22 1.92 26.92
C SER B 78 1.87 1.79 25.44
N GLY B 79 2.73 1.09 24.69
CA GLY B 79 2.50 0.91 23.26
C GLY B 79 2.72 2.20 22.49
N ILE B 80 1.97 2.34 21.40
CA ILE B 80 2.08 3.50 20.52
C ILE B 80 1.37 4.69 21.15
N PHE B 81 2.07 5.82 21.23
CA PHE B 81 1.53 7.03 21.84
C PHE B 81 0.92 7.91 20.77
N GLU B 82 -0.26 8.46 21.06
CA GLU B 82 -1.01 9.28 20.12
C GLU B 82 -1.16 10.70 20.66
N THR B 83 -0.84 11.67 19.82
CA THR B 83 -1.01 13.08 20.15
C THR B 83 -2.06 13.67 19.22
N LYS B 84 -3.08 14.29 19.81
CA LYS B 84 -4.19 14.87 19.05
C LYS B 84 -4.11 16.39 19.17
N PHE B 85 -3.99 17.06 18.02
CA PHE B 85 -4.04 18.52 17.98
C PHE B 85 -4.89 18.95 16.81
N GLN B 86 -5.52 20.11 16.95
CA GLN B 86 -6.45 20.63 15.96
C GLN B 86 -6.00 22.00 15.48
N VAL B 87 -5.85 22.16 14.17
CA VAL B 87 -5.54 23.44 13.56
C VAL B 87 -6.59 23.72 12.51
N ASP B 88 -7.29 24.87 12.65
CA ASP B 88 -8.34 25.33 11.74
C ASP B 88 -9.45 24.29 11.59
N LYS B 89 -9.92 23.78 12.72
CA LYS B 89 -10.99 22.78 12.85
C LYS B 89 -10.67 21.47 12.14
N VAL B 90 -9.39 21.18 11.93
CA VAL B 90 -8.95 19.93 11.32
C VAL B 90 -8.15 19.19 12.39
N ASN B 91 -8.61 17.99 12.74
CA ASN B 91 -8.03 17.23 13.83
C ASN B 91 -6.92 16.34 13.30
N PHE B 92 -5.72 16.51 13.85
CA PHE B 92 -4.55 15.72 13.48
C PHE B 92 -4.24 14.73 14.57
N HIS B 93 -4.05 13.47 14.19
CA HIS B 93 -3.65 12.41 15.12
C HIS B 93 -2.20 12.05 14.83
N MET B 94 -1.30 12.58 15.64
CA MET B 94 0.12 12.32 15.50
C MET B 94 0.49 11.10 16.32
N PHE B 95 1.02 10.07 15.66
CA PHE B 95 1.29 8.79 16.30
C PHE B 95 2.79 8.65 16.55
N ASP B 96 3.18 8.72 17.81
CA ASP B 96 4.55 8.47 18.22
C ASP B 96 4.65 7.01 18.65
N VAL B 97 5.42 6.23 17.91
CA VAL B 97 5.46 4.78 18.11
C VAL B 97 6.58 4.49 19.09
N GLY B 98 6.26 4.57 20.38
CA GLY B 98 7.11 4.05 21.42
C GLY B 98 6.76 2.62 21.74
N GLY B 99 7.54 2.03 22.64
CA GLY B 99 7.30 0.66 23.04
C GLY B 99 7.63 -0.38 22.00
N GLN B 100 8.44 -0.04 21.00
CA GLN B 100 8.89 -0.99 20.00
C GLN B 100 10.40 -1.07 20.01
N ARG B 101 10.93 -2.15 19.44
CA ARG B 101 12.38 -2.31 19.33
C ARG B 101 12.93 -1.37 18.26
N ASP B 102 14.26 -1.33 18.18
CA ASP B 102 14.95 -0.48 17.22
C ASP B 102 14.74 -0.92 15.77
N GLU B 103 14.27 -2.14 15.54
CA GLU B 103 14.00 -2.61 14.19
C GLU B 103 12.60 -2.18 13.79
N ARG B 104 12.50 -1.46 12.68
CA ARG B 104 11.24 -0.85 12.26
C ARG B 104 10.81 -1.24 10.86
N ARG B 105 11.46 -2.21 10.22
CA ARG B 105 11.14 -2.52 8.83
C ARG B 105 9.78 -3.18 8.64
N LYS B 106 9.15 -3.65 9.71
CA LYS B 106 7.86 -4.32 9.63
C LYS B 106 6.72 -3.48 10.17
N TRP B 107 6.89 -2.87 11.35
CA TRP B 107 5.80 -2.09 11.90
C TRP B 107 5.60 -0.76 11.21
N ILE B 108 6.59 -0.25 10.48
CA ILE B 108 6.41 1.00 9.74
C ILE B 108 5.50 0.78 8.53
N GLN B 109 5.29 -0.47 8.10
CA GLN B 109 4.35 -0.78 7.04
C GLN B 109 2.91 -0.57 7.47
N CYS B 110 2.64 -0.50 8.78
CA CYS B 110 1.31 -0.18 9.28
C CYS B 110 0.90 1.25 8.98
N PHE B 111 1.85 2.12 8.63
CA PHE B 111 1.58 3.53 8.39
C PHE B 111 1.64 3.83 6.90
N ASN B 112 1.17 2.90 6.08
CA ASN B 112 1.16 3.09 4.63
C ASN B 112 0.17 4.18 4.21
N ASP B 113 -0.92 4.35 4.95
CA ASP B 113 -1.99 5.25 4.55
C ASP B 113 -2.02 6.56 5.34
N VAL B 114 -0.96 6.89 6.07
CA VAL B 114 -0.95 8.15 6.81
C VAL B 114 -0.74 9.29 5.82
N THR B 115 -1.33 10.44 6.14
CA THR B 115 -1.20 11.62 5.28
C THR B 115 0.24 12.10 5.19
N ALA B 116 0.95 12.10 6.31
CA ALA B 116 2.33 12.52 6.31
C ALA B 116 3.10 11.77 7.39
N ILE B 117 4.40 11.63 7.16
CA ILE B 117 5.34 11.15 8.16
C ILE B 117 6.10 12.36 8.68
N ILE B 118 5.95 12.64 9.97
CA ILE B 118 6.60 13.79 10.59
C ILE B 118 7.98 13.31 11.07
N PHE B 119 9.01 13.67 10.33
CA PHE B 119 10.37 13.27 10.62
C PHE B 119 11.09 14.41 11.32
N VAL B 120 11.48 14.18 12.57
CA VAL B 120 12.12 15.20 13.40
C VAL B 120 13.60 14.82 13.54
N VAL B 121 14.47 15.80 13.28
CA VAL B 121 15.91 15.61 13.27
C VAL B 121 16.55 16.57 14.25
N ASP B 122 17.43 16.05 15.10
CA ASP B 122 18.30 16.88 15.92
C ASP B 122 19.37 17.40 14.97
N SER B 123 19.13 18.59 14.42
CA SER B 123 20.06 19.19 13.47
C SER B 123 21.39 19.58 14.10
N SER B 124 21.42 19.80 15.41
CA SER B 124 22.66 20.16 16.09
C SER B 124 23.58 18.96 16.26
N ASP B 125 23.03 17.77 16.44
CA ASP B 125 23.83 16.57 16.66
C ASP B 125 24.36 16.10 15.31
N TYR B 126 25.60 16.50 14.98
CA TYR B 126 26.21 16.12 13.71
C TYR B 126 26.54 14.65 13.66
N ASN B 127 26.87 14.04 14.82
CA ASN B 127 27.29 12.65 14.85
C ASN B 127 26.15 11.71 14.46
N ARG B 128 24.90 12.11 14.70
CA ARG B 128 23.75 11.31 14.35
C ARG B 128 22.97 11.86 13.18
N LEU B 129 23.53 12.86 12.46
CA LEU B 129 22.88 13.39 11.27
C LEU B 129 22.84 12.35 10.16
N GLN B 130 23.94 11.61 9.97
CA GLN B 130 23.97 10.57 8.95
C GLN B 130 22.99 9.45 9.26
N GLU B 131 22.85 9.11 10.55
CA GLU B 131 21.84 8.15 10.98
C GLU B 131 20.44 8.64 10.64
N ALA B 132 20.17 9.93 10.85
CA ALA B 132 18.90 10.52 10.44
C ALA B 132 18.75 10.51 8.92
N LEU B 133 19.83 10.80 8.20
CA LEU B 133 19.80 10.76 6.73
C LEU B 133 19.54 9.36 6.20
N ASN B 134 20.19 8.35 6.79
CA ASN B 134 19.95 6.97 6.40
C ASN B 134 18.53 6.54 6.69
N LEU B 135 18.01 6.91 7.86
CA LEU B 135 16.63 6.60 8.21
C LEU B 135 15.65 7.31 7.29
N PHE B 136 15.93 8.58 6.95
CA PHE B 136 15.10 9.30 6.00
C PHE B 136 15.18 8.67 4.61
N LYS B 137 16.36 8.20 4.22
CA LYS B 137 16.54 7.52 2.93
C LYS B 137 15.74 6.22 2.88
N SER B 138 15.72 5.48 4.00
CA SER B 138 14.95 4.24 4.05
C SER B 138 13.45 4.51 3.98
N ILE B 139 12.98 5.52 4.71
CA ILE B 139 11.56 5.89 4.67
C ILE B 139 11.15 6.38 3.29
N TRP B 140 12.00 7.20 2.66
CA TRP B 140 11.69 7.76 1.34
C TRP B 140 11.59 6.68 0.28
N ASN B 141 12.49 5.71 0.31
CA ASN B 141 12.58 4.69 -0.72
C ASN B 141 11.84 3.40 -0.38
N ASN B 142 11.20 3.31 0.79
CA ASN B 142 10.45 2.12 1.14
C ASN B 142 9.20 2.01 0.25
N ARG B 143 8.94 0.80 -0.26
CA ARG B 143 7.87 0.60 -1.22
C ARG B 143 6.47 0.81 -0.61
N TRP B 144 6.35 0.73 0.71
CA TRP B 144 5.08 1.02 1.36
C TRP B 144 5.05 2.40 1.98
N LEU B 145 6.09 3.20 1.77
CA LEU B 145 6.14 4.58 2.24
C LEU B 145 6.47 5.56 1.13
N ARG B 146 6.53 5.09 -0.12
CA ARG B 146 6.86 5.92 -1.27
C ARG B 146 5.69 6.74 -1.78
N THR B 147 4.50 6.58 -1.22
CA THR B 147 3.37 7.45 -1.54
C THR B 147 3.10 8.46 -0.45
N ILE B 148 3.97 8.53 0.56
CA ILE B 148 3.76 9.36 1.74
C ILE B 148 4.73 10.52 1.73
N SER B 149 4.20 11.73 1.69
CA SER B 149 5.02 12.92 1.82
C SER B 149 5.54 13.04 3.25
N VAL B 150 6.75 13.57 3.40
CA VAL B 150 7.41 13.65 4.70
C VAL B 150 7.49 15.11 5.11
N ILE B 151 6.95 15.43 6.28
CA ILE B 151 7.11 16.75 6.89
C ILE B 151 8.37 16.68 7.73
N LEU B 152 9.46 17.24 7.20
CA LEU B 152 10.76 17.17 7.86
C LEU B 152 10.92 18.34 8.83
N PHE B 153 11.24 18.02 10.08
CA PHE B 153 11.51 19.04 11.09
C PHE B 153 12.98 18.96 11.48
N LEU B 154 13.74 19.98 11.08
CA LEU B 154 15.13 20.11 11.48
C LEU B 154 15.17 20.83 12.83
N ASN B 155 14.87 20.05 13.86
CA ASN B 155 14.71 20.57 15.21
C ASN B 155 16.07 20.99 15.79
N LYS B 156 16.01 21.63 16.96
CA LYS B 156 17.16 22.10 17.73
C LYS B 156 18.00 23.09 16.92
N GLN B 157 17.32 24.06 16.30
CA GLN B 157 18.02 25.11 15.58
C GLN B 157 18.72 26.07 16.54
N ASP B 158 18.16 26.26 17.74
CA ASP B 158 18.83 27.05 18.76
C ASP B 158 20.13 26.40 19.21
N LEU B 159 20.13 25.07 19.35
CA LEU B 159 21.36 24.35 19.67
C LEU B 159 22.31 24.31 18.49
N LEU B 160 21.77 24.24 17.27
CA LEU B 160 22.61 24.29 16.07
C LEU B 160 23.31 25.62 15.92
N ALA B 161 22.59 26.72 16.20
CA ALA B 161 23.17 28.05 16.10
C ALA B 161 24.31 28.25 17.09
N GLU B 162 24.14 27.81 18.34
CA GLU B 162 25.19 27.98 19.33
C GLU B 162 26.37 27.05 19.09
N LYS B 163 26.17 25.93 18.40
CA LYS B 163 27.27 25.03 18.07
C LYS B 163 28.12 25.58 16.93
N VAL B 164 27.50 26.20 15.94
CA VAL B 164 28.24 26.77 14.81
C VAL B 164 29.04 28.00 15.25
N LEU B 165 28.41 28.88 16.04
CA LEU B 165 29.10 30.09 16.50
C LEU B 165 30.25 29.78 17.45
N ALA B 166 30.13 28.70 18.23
CA ALA B 166 31.23 28.31 19.12
C ALA B 166 32.45 27.88 18.32
N GLY B 167 32.25 27.14 17.24
CA GLY B 167 33.35 26.71 16.39
C GLY B 167 34.08 25.47 16.84
N LYS B 168 33.70 24.88 17.98
CA LYS B 168 34.37 23.68 18.47
C LYS B 168 34.04 22.47 17.61
N SER B 169 32.78 22.32 17.22
CA SER B 169 32.35 21.19 16.40
C SER B 169 32.18 21.65 14.96
N LYS B 170 32.85 20.97 14.04
CA LYS B 170 32.86 21.34 12.63
C LYS B 170 32.06 20.32 11.82
N ILE B 171 31.20 20.82 10.94
CA ILE B 171 30.41 19.95 10.06
C ILE B 171 31.31 19.24 9.06
N GLU B 172 32.38 19.91 8.60
CA GLU B 172 33.33 19.35 7.64
C GLU B 172 34.02 18.08 8.15
N ASP B 173 34.11 17.90 9.48
CA ASP B 173 34.59 16.64 10.01
C ASP B 173 33.60 15.50 9.79
N TYR B 174 32.31 15.81 9.77
CA TYR B 174 31.27 14.81 9.51
C TYR B 174 30.70 14.87 8.10
N PHE B 175 30.90 15.97 7.39
CA PHE B 175 30.42 16.12 6.01
C PHE B 175 31.44 16.93 5.22
N PRO B 176 32.36 16.27 4.52
CA PRO B 176 33.38 17.01 3.75
C PRO B 176 32.83 17.88 2.63
N GLU B 177 31.63 17.58 2.12
CA GLU B 177 31.01 18.39 1.09
C GLU B 177 30.49 19.73 1.62
N PHE B 178 30.48 19.94 2.94
CA PHE B 178 30.08 21.21 3.51
C PHE B 178 31.10 22.30 3.20
N ALA B 179 32.37 21.92 3.00
CA ALA B 179 33.41 22.89 2.66
C ALA B 179 33.16 23.52 1.30
N ARG B 180 32.66 22.73 0.35
CA ARG B 180 32.32 23.23 -0.98
C ARG B 180 30.88 23.71 -1.09
N TYR B 181 30.15 23.72 0.02
CA TYR B 181 28.75 24.10 0.00
C TYR B 181 28.61 25.62 0.11
N THR B 182 27.69 26.17 -0.68
CA THR B 182 27.32 27.57 -0.64
C THR B 182 25.84 27.69 -0.31
N THR B 183 25.50 28.73 0.45
CA THR B 183 24.12 28.99 0.82
C THR B 183 23.27 29.28 -0.42
N PRO B 184 22.12 28.62 -0.59
CA PRO B 184 21.30 28.86 -1.77
C PRO B 184 20.75 30.28 -1.83
N GLU B 185 20.53 30.76 -3.05
CA GLU B 185 19.87 32.05 -3.24
C GLU B 185 18.41 32.03 -2.81
N ASP B 186 17.79 30.86 -2.73
CA ASP B 186 16.41 30.73 -2.28
C ASP B 186 16.28 30.69 -0.77
N ALA B 187 17.40 30.76 -0.03
CA ALA B 187 17.37 30.73 1.42
C ALA B 187 16.67 31.95 1.99
N THR B 188 16.02 31.76 3.13
CA THR B 188 15.29 32.81 3.84
C THR B 188 15.82 32.89 5.27
N PRO B 189 16.98 33.54 5.47
CA PRO B 189 17.55 33.64 6.82
C PRO B 189 16.66 34.43 7.77
N GLU B 190 16.67 34.01 9.04
CA GLU B 190 15.99 34.73 10.09
C GLU B 190 16.69 36.07 10.33
N PRO B 191 15.94 37.08 10.82
CA PRO B 191 16.57 38.38 11.11
C PRO B 191 17.67 38.27 12.16
N GLY B 192 18.82 38.87 11.86
CA GLY B 192 19.95 38.84 12.77
C GLY B 192 20.66 37.51 12.85
N GLU B 193 20.50 36.66 11.84
CA GLU B 193 21.13 35.34 11.84
C GLU B 193 22.51 35.41 11.21
N ASP B 194 23.47 34.73 11.83
CA ASP B 194 24.83 34.70 11.31
C ASP B 194 24.86 33.93 9.98
N PRO B 195 25.66 34.35 9.01
CA PRO B 195 25.78 33.61 7.75
C PRO B 195 26.28 32.18 7.90
N ARG B 196 27.17 31.93 8.88
CA ARG B 196 27.64 30.57 9.13
C ARG B 196 26.51 29.66 9.59
N VAL B 197 25.63 30.19 10.45
CA VAL B 197 24.48 29.43 10.92
C VAL B 197 23.51 29.14 9.78
N THR B 198 23.28 30.14 8.91
CA THR B 198 22.40 29.96 7.76
C THR B 198 22.97 28.94 6.78
N ARG B 199 24.29 29.00 6.53
CA ARG B 199 24.92 28.02 5.65
C ARG B 199 24.86 26.63 6.24
N ALA B 200 25.01 26.52 7.56
CA ALA B 200 24.99 25.22 8.23
C ALA B 200 23.61 24.57 8.17
N LYS B 201 22.57 25.30 8.54
CA LYS B 201 21.23 24.71 8.61
C LYS B 201 20.66 24.39 7.24
N TYR B 202 20.98 25.21 6.23
CA TYR B 202 20.50 24.92 4.89
C TYR B 202 21.27 23.77 4.25
N PHE B 203 22.53 23.56 4.66
CA PHE B 203 23.28 22.38 4.21
C PHE B 203 22.63 21.09 4.73
N ILE B 204 22.22 21.09 5.99
CA ILE B 204 21.53 19.93 6.57
C ILE B 204 20.21 19.69 5.85
N ARG B 205 19.49 20.77 5.52
CA ARG B 205 18.26 20.66 4.76
C ARG B 205 18.51 20.08 3.37
N ASP B 206 19.56 20.53 2.69
CA ASP B 206 19.88 20.03 1.36
C ASP B 206 20.37 18.58 1.40
N GLU B 207 20.92 18.13 2.53
CA GLU B 207 21.27 16.71 2.67
C GLU B 207 20.03 15.84 2.62
N PHE B 208 18.95 16.26 3.29
CA PHE B 208 17.70 15.52 3.20
C PHE B 208 17.03 15.74 1.85
N LEU B 209 17.11 16.97 1.32
CA LEU B 209 16.50 17.26 0.03
C LEU B 209 17.22 16.59 -1.12
N ARG B 210 18.51 16.28 -0.98
CA ARG B 210 19.21 15.50 -1.99
C ARG B 210 18.61 14.11 -2.11
N ILE B 211 18.28 13.50 -0.97
CA ILE B 211 17.62 12.20 -0.96
C ILE B 211 16.22 12.29 -1.54
N SER B 212 15.47 13.34 -1.18
CA SER B 212 14.09 13.46 -1.61
C SER B 212 13.96 13.68 -3.11
N THR B 213 14.87 14.44 -3.69
CA THR B 213 14.85 14.68 -5.13
C THR B 213 15.45 13.54 -5.94
N ALA B 214 16.10 12.57 -5.30
CA ALA B 214 16.75 11.50 -6.04
C ALA B 214 15.79 10.37 -6.40
N SER B 215 14.64 10.27 -5.75
CA SER B 215 13.70 9.19 -5.99
C SER B 215 12.31 9.66 -5.61
N GLY B 216 11.30 8.97 -6.14
CA GLY B 216 9.93 9.35 -5.87
C GLY B 216 9.50 10.53 -6.71
N ASP B 217 9.41 10.32 -8.02
CA ASP B 217 9.14 11.41 -8.98
C ASP B 217 7.69 11.85 -8.82
N GLY B 218 7.51 13.00 -8.16
CA GLY B 218 6.22 13.63 -7.96
C GLY B 218 5.17 12.90 -7.15
N ARG B 219 5.46 11.69 -6.68
CA ARG B 219 4.50 10.96 -5.87
C ARG B 219 4.41 11.52 -4.46
N HIS B 220 5.55 11.90 -3.88
CA HIS B 220 5.58 12.42 -2.53
C HIS B 220 6.68 13.46 -2.44
N TYR B 221 6.54 14.38 -1.48
CA TYR B 221 7.44 15.51 -1.35
C TYR B 221 7.90 15.68 0.09
N CYS B 222 9.02 16.36 0.25
CA CYS B 222 9.60 16.64 1.56
C CYS B 222 9.35 18.09 1.91
N TYR B 223 8.91 18.33 3.15
CA TYR B 223 8.63 19.67 3.65
C TYR B 223 9.56 19.97 4.80
N PRO B 224 10.70 20.59 4.55
CA PRO B 224 11.66 20.87 5.62
C PRO B 224 11.33 22.15 6.38
N HIS B 225 11.45 22.08 7.70
CA HIS B 225 11.19 23.22 8.56
C HIS B 225 12.27 23.34 9.62
N PHE B 226 12.77 24.56 9.81
CA PHE B 226 13.77 24.85 10.84
C PHE B 226 13.03 25.24 12.11
N THR B 227 13.07 24.36 13.12
CA THR B 227 12.32 24.57 14.35
C THR B 227 13.24 24.49 15.56
N CYS B 228 12.83 25.16 16.63
CA CYS B 228 13.52 25.12 17.91
C CYS B 228 12.64 24.40 18.93
N ALA B 229 13.14 24.33 20.17
CA ALA B 229 12.36 23.71 21.23
C ALA B 229 11.22 24.62 21.68
N VAL B 230 11.39 25.93 21.58
CA VAL B 230 10.39 26.89 22.02
C VAL B 230 9.51 27.37 20.87
N ASP B 231 9.60 26.71 19.72
CA ASP B 231 8.81 27.10 18.56
C ASP B 231 7.34 26.72 18.78
N THR B 232 6.44 27.66 18.47
CA THR B 232 5.01 27.46 18.70
C THR B 232 4.20 27.37 17.42
N GLU B 233 4.84 27.43 16.25
CA GLU B 233 4.12 27.41 14.99
C GLU B 233 4.33 26.11 14.23
N ASN B 234 4.70 25.04 14.93
CA ASN B 234 4.91 23.75 14.26
C ASN B 234 3.59 23.10 13.88
N ALA B 235 2.55 23.29 14.71
CA ALA B 235 1.22 22.79 14.39
C ALA B 235 0.66 23.45 13.14
N ARG B 236 0.88 24.76 13.00
CA ARG B 236 0.50 25.47 11.79
C ARG B 236 1.29 24.97 10.58
N ARG B 237 2.60 24.71 10.78
CA ARG B 237 3.45 24.20 9.72
C ARG B 237 3.00 22.82 9.23
N ILE B 238 2.62 21.94 10.16
CA ILE B 238 2.08 20.64 9.77
C ILE B 238 0.77 20.81 9.01
N PHE B 239 -0.10 21.72 9.48
CA PHE B 239 -1.36 22.00 8.80
C PHE B 239 -1.14 22.52 7.38
N ASN B 240 -0.19 23.43 7.20
CA ASN B 240 0.10 23.98 5.87
C ASN B 240 0.63 22.90 4.93
N ASP B 241 1.49 22.01 5.43
CA ASP B 241 2.02 20.96 4.59
C ASP B 241 0.98 19.90 4.28
N VAL B 242 0.20 19.47 5.29
CA VAL B 242 -0.86 18.48 5.10
C VAL B 242 -1.91 18.98 4.13
N THR B 243 -2.21 20.29 4.19
CA THR B 243 -3.08 20.92 3.20
C THR B 243 -2.51 20.78 1.79
N ASP B 244 -1.20 20.99 1.63
CA ASP B 244 -0.54 20.80 0.35
C ASP B 244 -0.58 19.35 -0.09
N ILE B 245 -0.39 18.41 0.85
CA ILE B 245 -0.40 16.98 0.53
C ILE B 245 -1.79 16.54 0.05
N ILE B 246 -2.84 16.93 0.78
CA ILE B 246 -4.19 16.50 0.45
C ILE B 246 -4.67 17.14 -0.85
N ILE B 247 -4.30 18.40 -1.09
CA ILE B 247 -4.60 19.05 -2.37
C ILE B 247 -3.94 18.30 -3.51
N LYS B 248 -2.65 17.95 -3.36
CA LYS B 248 -1.95 17.19 -4.39
C LYS B 248 -2.49 15.78 -4.52
N MET B 249 -2.90 15.16 -3.41
CA MET B 249 -3.56 13.86 -3.48
C MET B 249 -4.89 13.93 -4.22
N ASN B 250 -5.70 14.95 -3.92
CA ASN B 250 -6.97 15.12 -4.62
C ASN B 250 -6.77 15.44 -6.10
N LEU B 251 -5.78 16.28 -6.43
CA LEU B 251 -5.51 16.60 -7.83
C LEU B 251 -4.93 15.40 -8.58
N ARG B 252 -4.14 14.56 -7.90
CA ARG B 252 -3.61 13.37 -8.55
C ARG B 252 -4.70 12.37 -8.88
N ASP B 253 -5.75 12.31 -8.05
CA ASP B 253 -6.88 11.41 -8.30
C ASP B 253 -7.63 11.80 -9.57
N CYS B 254 -7.83 13.09 -9.80
CA CYS B 254 -8.53 13.56 -10.98
C CYS B 254 -7.61 13.77 -12.18
N GLY B 255 -6.31 13.48 -12.05
CA GLY B 255 -5.40 13.55 -13.16
C GLY B 255 -4.75 14.90 -13.36
N LEU B 256 -5.10 15.89 -12.53
CA LEU B 256 -4.61 17.25 -12.71
C LEU B 256 -3.17 17.43 -12.26
N PHE B 257 -2.74 16.71 -11.23
CA PHE B 257 -1.36 16.78 -10.78
C PHE B 257 -0.59 15.53 -11.18
N SER C 11 37.84 -14.40 24.24
CA SER C 11 38.36 -15.67 24.72
C SER C 11 37.24 -16.67 24.92
N GLU C 12 36.48 -16.50 26.01
CA GLU C 12 35.32 -17.35 26.27
C GLU C 12 34.24 -17.15 25.23
N LEU C 13 34.00 -15.89 24.83
CA LEU C 13 33.02 -15.60 23.79
C LEU C 13 33.44 -16.18 22.44
N ASP C 14 34.73 -16.07 22.11
CA ASP C 14 35.24 -16.66 20.88
C ASP C 14 35.15 -18.19 20.90
N GLN C 15 35.42 -18.79 22.06
CA GLN C 15 35.27 -20.24 22.21
C GLN C 15 33.83 -20.67 22.03
N LEU C 16 32.88 -19.92 22.61
CA LEU C 16 31.47 -20.24 22.44
C LEU C 16 31.01 -20.06 21.00
N ARG C 17 31.52 -19.04 20.30
CA ARG C 17 31.19 -18.84 18.89
C ARG C 17 31.76 -19.96 18.02
N GLN C 18 32.99 -20.40 18.29
CA GLN C 18 33.56 -21.53 17.55
C GLN C 18 32.79 -22.82 17.82
N GLU C 19 32.38 -23.03 19.08
CA GLU C 19 31.57 -24.22 19.41
C GLU C 19 30.20 -24.16 18.73
N ALA C 20 29.61 -22.96 18.65
CA ALA C 20 28.35 -22.80 17.94
C ALA C 20 28.51 -23.06 16.44
N GLU C 21 29.62 -22.63 15.86
CA GLU C 21 29.89 -22.92 14.45
C GLU C 21 30.08 -24.41 14.22
N GLN C 22 30.78 -25.10 15.14
CA GLN C 22 30.93 -26.54 15.03
C GLN C 22 29.59 -27.27 15.15
N LEU C 23 28.73 -26.81 16.06
CA LEU C 23 27.40 -27.41 16.18
C LEU C 23 26.54 -27.15 14.95
N LYS C 24 26.64 -25.95 14.37
CA LYS C 24 25.91 -25.65 13.13
C LYS C 24 26.40 -26.49 11.98
N ASN C 25 27.73 -26.71 11.87
CA ASN C 25 28.27 -27.60 10.87
C ASN C 25 27.80 -29.04 11.09
N GLN C 26 27.72 -29.46 12.36
CA GLN C 26 27.22 -30.80 12.67
C GLN C 26 25.76 -30.98 12.25
N ILE C 27 24.91 -29.97 12.52
CA ILE C 27 23.52 -30.00 12.09
C ILE C 27 23.41 -30.00 10.58
N ARG C 28 24.23 -29.17 9.91
CA ARG C 28 24.25 -29.12 8.44
C ARG C 28 24.67 -30.46 7.84
N ASP C 29 25.67 -31.12 8.42
CA ASP C 29 26.12 -32.41 7.93
C ASP C 29 25.07 -33.50 8.17
N ALA C 30 24.38 -33.44 9.31
CA ALA C 30 23.28 -34.37 9.56
C ALA C 30 22.15 -34.18 8.55
N ARG C 31 21.80 -32.92 8.26
CA ARG C 31 20.78 -32.63 7.25
C ARG C 31 21.19 -33.09 5.87
N LYS C 32 22.47 -32.90 5.52
CA LYS C 32 22.98 -33.36 4.23
C LYS C 32 22.98 -34.88 4.13
N ALA C 33 23.32 -35.56 5.24
CA ALA C 33 23.25 -37.02 5.28
C ALA C 33 21.82 -37.52 5.15
N CYS C 34 20.85 -36.79 5.69
CA CYS C 34 19.45 -37.18 5.54
C CYS C 34 18.86 -36.77 4.19
N ALA C 35 19.57 -35.99 3.39
CA ALA C 35 19.06 -35.52 2.10
C ALA C 35 19.54 -36.43 0.97
N ASP C 36 19.08 -37.67 1.01
CA ASP C 36 19.41 -38.63 -0.04
C ASP C 36 18.74 -38.27 -1.37
N ALA C 37 17.47 -37.89 -1.33
CA ALA C 37 16.73 -37.43 -2.49
C ALA C 37 16.04 -36.12 -2.13
N THR C 38 15.45 -35.49 -3.13
CA THR C 38 14.70 -34.26 -2.95
C THR C 38 13.23 -34.51 -3.23
N LEU C 39 12.38 -33.58 -2.77
CA LEU C 39 10.94 -33.67 -2.99
C LEU C 39 10.60 -33.60 -4.47
N SER C 40 11.41 -32.91 -5.27
CA SER C 40 11.20 -32.88 -6.72
C SER C 40 11.41 -34.26 -7.34
N GLN C 41 12.44 -34.98 -6.89
CA GLN C 41 12.70 -36.32 -7.41
C GLN C 41 11.59 -37.30 -7.04
N ILE C 42 11.12 -37.25 -5.78
CA ILE C 42 10.08 -38.15 -5.31
C ILE C 42 8.76 -37.88 -6.02
N THR C 43 8.41 -36.60 -6.19
CA THR C 43 7.14 -36.22 -6.79
C THR C 43 7.28 -35.88 -8.27
N ASN C 44 8.27 -36.46 -8.95
CA ASN C 44 8.43 -36.19 -10.38
C ASN C 44 7.41 -36.95 -11.22
N ASN C 45 7.09 -38.18 -10.82
CA ASN C 45 6.19 -39.01 -11.62
C ASN C 45 4.72 -38.71 -11.40
N ILE C 46 4.36 -37.96 -10.35
CA ILE C 46 2.96 -37.65 -10.10
C ILE C 46 2.46 -36.65 -11.13
N ASP C 47 1.19 -36.79 -11.49
CA ASP C 47 0.59 -35.90 -12.48
C ASP C 47 0.43 -34.50 -11.91
N PRO C 48 0.70 -33.46 -12.71
CA PRO C 48 0.50 -32.08 -12.24
C PRO C 48 -0.98 -31.78 -12.00
N VAL C 49 -1.21 -30.85 -11.08
CA VAL C 49 -2.57 -30.46 -10.70
C VAL C 49 -3.33 -29.71 -11.80
N GLY C 50 -2.66 -29.32 -12.88
CA GLY C 50 -3.30 -28.54 -13.91
C GLY C 50 -3.40 -27.08 -13.53
N ARG C 51 -4.25 -26.37 -14.27
CA ARG C 51 -4.43 -24.94 -14.07
C ARG C 51 -5.56 -24.75 -13.06
N ILE C 52 -5.17 -24.39 -11.83
CA ILE C 52 -6.15 -24.11 -10.77
C ILE C 52 -6.66 -22.69 -10.99
N GLN C 53 -7.90 -22.57 -11.45
CA GLN C 53 -8.50 -21.28 -11.77
C GLN C 53 -9.61 -20.99 -10.76
N MET C 54 -9.23 -20.40 -9.63
CA MET C 54 -10.19 -19.93 -8.66
C MET C 54 -10.69 -18.54 -9.04
N ARG C 55 -11.96 -18.29 -8.78
CA ARG C 55 -12.57 -16.99 -9.08
C ARG C 55 -13.24 -16.45 -7.84
N THR C 56 -13.33 -15.12 -7.77
CA THR C 56 -13.87 -14.42 -6.60
C THR C 56 -15.35 -14.72 -6.46
N ARG C 57 -15.70 -15.52 -5.46
CA ARG C 57 -17.10 -15.84 -5.22
C ARG C 57 -17.81 -14.76 -4.40
N ARG C 58 -17.16 -14.25 -3.36
CA ARG C 58 -17.68 -13.16 -2.54
C ARG C 58 -16.63 -12.09 -2.42
N THR C 59 -17.05 -10.83 -2.50
CA THR C 59 -16.19 -9.68 -2.20
C THR C 59 -16.74 -8.97 -0.98
N LEU C 60 -16.01 -9.01 0.13
CA LEU C 60 -16.46 -8.42 1.38
C LEU C 60 -16.03 -6.95 1.40
N ARG C 61 -16.98 -6.05 1.16
CA ARG C 61 -16.68 -4.62 1.05
C ARG C 61 -17.14 -3.78 2.23
N GLY C 62 -16.67 -4.04 3.45
CA GLY C 62 -17.03 -3.14 4.53
C GLY C 62 -15.90 -2.41 5.22
N HIS C 63 -14.68 -2.88 5.00
CA HIS C 63 -13.50 -2.30 5.63
C HIS C 63 -13.08 -1.02 4.93
N LEU C 64 -12.77 0.01 5.72
CA LEU C 64 -12.43 1.32 5.18
C LEU C 64 -10.94 1.64 5.32
N ALA C 65 -10.09 0.62 5.45
CA ALA C 65 -8.64 0.77 5.53
C ALA C 65 -8.02 -0.58 5.20
N LYS C 66 -6.68 -0.61 5.13
CA LYS C 66 -5.97 -1.83 4.76
C LYS C 66 -6.22 -2.94 5.78
N ILE C 67 -6.53 -4.13 5.28
CA ILE C 67 -6.68 -5.30 6.14
C ILE C 67 -5.31 -5.90 6.39
N TYR C 68 -4.98 -6.13 7.66
CA TYR C 68 -3.69 -6.68 8.01
C TYR C 68 -3.75 -8.19 8.20
N ALA C 69 -4.88 -8.72 8.68
CA ALA C 69 -4.99 -10.15 8.91
C ALA C 69 -6.45 -10.57 8.89
N MET C 70 -6.67 -11.85 8.59
CA MET C 70 -7.99 -12.44 8.62
C MET C 70 -7.84 -13.89 9.07
N HIS C 71 -8.74 -14.32 9.96
CA HIS C 71 -8.72 -15.70 10.41
C HIS C 71 -10.10 -16.29 10.20
N TRP C 72 -10.14 -17.54 9.74
CA TRP C 72 -11.38 -18.26 9.56
C TRP C 72 -11.84 -18.88 10.88
N GLY C 73 -13.14 -19.01 11.04
CA GLY C 73 -13.67 -19.83 12.10
C GLY C 73 -13.67 -21.29 11.70
N THR C 74 -13.69 -22.16 12.71
CA THR C 74 -13.69 -23.60 12.47
C THR C 74 -14.99 -24.12 11.86
N ASP C 75 -16.05 -23.31 11.83
CA ASP C 75 -17.27 -23.68 11.12
C ASP C 75 -17.18 -23.48 9.63
N SER C 76 -16.06 -22.88 9.15
CA SER C 76 -15.77 -22.60 7.74
C SER C 76 -16.76 -21.64 7.09
N ARG C 77 -17.55 -20.95 7.89
CA ARG C 77 -18.55 -19.99 7.42
C ARG C 77 -18.28 -18.60 7.94
N LEU C 78 -17.92 -18.48 9.21
CA LEU C 78 -17.63 -17.20 9.84
C LEU C 78 -16.13 -16.94 9.82
N LEU C 79 -15.75 -15.73 9.47
CA LEU C 79 -14.35 -15.33 9.50
C LEU C 79 -14.24 -13.94 10.13
N VAL C 80 -13.17 -13.71 10.87
CA VAL C 80 -12.90 -12.41 11.46
C VAL C 80 -11.82 -11.74 10.63
N SER C 81 -12.00 -10.45 10.34
CA SER C 81 -11.05 -9.68 9.56
C SER C 81 -10.58 -8.49 10.37
N ALA C 82 -9.28 -8.23 10.33
CA ALA C 82 -8.67 -7.13 11.05
C ALA C 82 -8.16 -6.10 10.05
N SER C 83 -8.74 -4.91 10.09
CA SER C 83 -8.30 -3.81 9.25
C SER C 83 -7.85 -2.65 10.10
N GLN C 84 -6.91 -1.87 9.57
CA GLN C 84 -6.35 -0.75 10.32
C GLN C 84 -7.22 0.50 10.27
N ASP C 85 -8.51 0.32 10.59
CA ASP C 85 -9.45 1.40 10.86
C ASP C 85 -10.07 1.25 12.24
N GLY C 86 -9.55 0.34 13.05
CA GLY C 86 -10.09 0.10 14.37
C GLY C 86 -11.30 -0.79 14.39
N LYS C 87 -11.48 -1.65 13.39
CA LYS C 87 -12.66 -2.49 13.29
C LYS C 87 -12.25 -3.95 13.13
N LEU C 88 -12.87 -4.81 13.93
CA LEU C 88 -12.85 -6.26 13.72
C LEU C 88 -14.22 -6.64 13.21
N ILE C 89 -14.33 -6.93 11.91
CA ILE C 89 -15.60 -7.32 11.32
C ILE C 89 -15.62 -8.84 11.20
N ILE C 90 -16.65 -9.45 11.74
CA ILE C 90 -16.88 -10.88 11.61
C ILE C 90 -17.95 -11.08 10.55
N TRP C 91 -17.59 -11.77 9.48
CA TRP C 91 -18.43 -11.90 8.30
C TRP C 91 -19.09 -13.26 8.26
N ASP C 92 -20.35 -13.28 7.82
CA ASP C 92 -21.01 -14.51 7.37
C ASP C 92 -20.67 -14.60 5.89
N SER C 93 -19.57 -15.32 5.60
CA SER C 93 -19.01 -15.37 4.25
C SER C 93 -19.95 -15.99 3.22
N TYR C 94 -20.87 -16.85 3.66
CA TYR C 94 -21.85 -17.41 2.73
C TYR C 94 -22.80 -16.34 2.20
N THR C 95 -23.18 -15.39 3.04
CA THR C 95 -24.15 -14.36 2.68
C THR C 95 -23.59 -12.95 2.67
N THR C 96 -22.28 -12.77 2.90
CA THR C 96 -21.58 -11.48 3.03
C THR C 96 -22.17 -10.61 4.14
N ASN C 97 -22.81 -11.21 5.13
CA ASN C 97 -23.40 -10.46 6.24
C ASN C 97 -22.35 -10.23 7.30
N LYS C 98 -22.29 -8.99 7.79
CA LYS C 98 -21.42 -8.64 8.90
C LYS C 98 -22.09 -9.05 10.19
N VAL C 99 -21.60 -10.12 10.82
CA VAL C 99 -22.17 -10.56 12.08
C VAL C 99 -21.80 -9.59 13.21
N HIS C 100 -20.55 -9.18 13.26
CA HIS C 100 -20.07 -8.28 14.30
C HIS C 100 -19.18 -7.21 13.69
N ALA C 101 -19.11 -6.06 14.36
CA ALA C 101 -18.13 -5.01 14.06
C ALA C 101 -17.61 -4.52 15.39
N ILE C 102 -16.41 -4.93 15.76
CA ILE C 102 -15.86 -4.69 17.08
C ILE C 102 -14.97 -3.44 17.00
N PRO C 103 -15.33 -2.35 17.67
CA PRO C 103 -14.44 -1.18 17.70
C PRO C 103 -13.21 -1.46 18.56
N LEU C 104 -12.04 -1.18 18.00
CA LEU C 104 -10.77 -1.45 18.66
C LEU C 104 -10.25 -0.19 19.33
N ARG C 105 -9.67 -0.36 20.52
CA ARG C 105 -9.02 0.76 21.20
C ARG C 105 -7.84 1.30 20.40
N SER C 106 -7.03 0.41 19.84
CA SER C 106 -5.91 0.79 18.99
C SER C 106 -6.24 0.37 17.57
N SER C 107 -6.23 1.33 16.65
CA SER C 107 -6.56 1.04 15.26
C SER C 107 -5.45 0.30 14.53
N TRP C 108 -4.24 0.28 15.07
CA TRP C 108 -3.09 -0.33 14.41
C TRP C 108 -3.02 -1.83 14.68
N VAL C 109 -4.09 -2.51 14.31
CA VAL C 109 -4.20 -3.95 14.50
C VAL C 109 -3.42 -4.65 13.39
N MET C 110 -2.58 -5.61 13.78
CA MET C 110 -1.79 -6.36 12.82
C MET C 110 -2.19 -7.83 12.72
N THR C 111 -3.00 -8.32 13.65
CA THR C 111 -3.40 -9.72 13.60
C THR C 111 -4.79 -9.90 14.18
N CYS C 112 -5.43 -10.99 13.79
CA CYS C 112 -6.68 -11.38 14.41
C CYS C 112 -6.77 -12.90 14.43
N ALA C 113 -7.32 -13.42 15.52
CA ALA C 113 -7.55 -14.84 15.70
C ALA C 113 -9.03 -15.08 15.94
N TYR C 114 -9.45 -16.29 15.62
CA TYR C 114 -10.83 -16.74 15.81
C TYR C 114 -10.77 -18.04 16.57
N ALA C 115 -11.35 -18.05 17.77
CA ALA C 115 -11.32 -19.23 18.63
C ALA C 115 -11.99 -20.41 17.93
N PRO C 116 -11.46 -21.63 18.09
CA PRO C 116 -12.10 -22.81 17.49
C PRO C 116 -13.53 -23.04 17.95
N SER C 117 -13.87 -22.67 19.20
CA SER C 117 -15.25 -22.71 19.63
C SER C 117 -16.08 -21.61 19.00
N GLY C 118 -15.44 -20.54 18.51
CA GLY C 118 -16.15 -19.42 17.93
C GLY C 118 -16.68 -18.42 18.93
N ASN C 119 -16.47 -18.66 20.23
CA ASN C 119 -16.95 -17.75 21.26
C ASN C 119 -16.10 -16.50 21.40
N TYR C 120 -14.86 -16.54 20.96
CA TYR C 120 -13.94 -15.43 21.16
C TYR C 120 -13.19 -15.11 19.88
N VAL C 121 -12.75 -13.85 19.78
CA VAL C 121 -11.80 -13.43 18.79
C VAL C 121 -10.70 -12.65 19.48
N ALA C 122 -9.55 -12.59 18.84
CA ALA C 122 -8.41 -11.85 19.34
C ALA C 122 -7.97 -10.81 18.31
N CYS C 123 -7.22 -9.83 18.78
CA CYS C 123 -6.62 -8.84 17.90
C CYS C 123 -5.39 -8.29 18.62
N GLY C 124 -4.52 -7.68 17.83
CA GLY C 124 -3.32 -7.09 18.41
C GLY C 124 -2.54 -6.37 17.33
N GLY C 125 -1.54 -5.63 17.79
CA GLY C 125 -0.72 -4.86 16.88
C GLY C 125 0.27 -3.99 17.63
N LEU C 126 0.36 -2.71 17.24
CA LEU C 126 1.29 -1.77 17.83
C LEU C 126 1.00 -1.44 19.29
N ASP C 127 -0.19 -1.78 19.79
CA ASP C 127 -0.51 -1.57 21.19
C ASP C 127 0.20 -2.55 22.11
N ASN C 128 0.87 -3.57 21.56
CA ASN C 128 1.60 -4.63 22.27
C ASN C 128 0.68 -5.48 23.15
N ILE C 129 -0.62 -5.45 22.88
CA ILE C 129 -1.63 -6.08 23.70
C ILE C 129 -2.50 -6.97 22.83
N CYS C 130 -2.69 -8.22 23.25
CA CYS C 130 -3.64 -9.11 22.61
C CYS C 130 -4.98 -8.92 23.31
N SER C 131 -5.96 -8.37 22.59
CA SER C 131 -7.27 -8.09 23.15
C SER C 131 -8.21 -9.22 22.77
N ILE C 132 -8.77 -9.88 23.78
CA ILE C 132 -9.71 -10.97 23.59
C ILE C 132 -11.12 -10.42 23.73
N TYR C 133 -11.96 -10.67 22.73
CA TYR C 133 -13.32 -10.16 22.70
C TYR C 133 -14.30 -11.31 22.80
N ASN C 134 -15.26 -11.19 23.71
CA ASN C 134 -16.26 -12.23 23.92
C ASN C 134 -17.46 -11.96 23.02
N LEU C 135 -17.72 -12.87 22.10
CA LEU C 135 -18.83 -12.74 21.16
C LEU C 135 -20.14 -13.29 21.70
N LYS C 136 -20.11 -13.96 22.84
CA LYS C 136 -21.28 -14.63 23.40
C LYS C 136 -21.65 -14.06 24.76
N THR C 137 -21.58 -12.73 24.89
CA THR C 137 -21.92 -12.07 26.14
C THR C 137 -23.41 -12.18 26.42
N ARG C 138 -23.75 -12.19 27.72
CA ARG C 138 -25.15 -12.27 28.14
C ARG C 138 -25.93 -11.02 27.76
N GLU C 139 -25.27 -9.87 27.68
CA GLU C 139 -25.92 -8.63 27.27
C GLU C 139 -26.18 -8.54 25.78
N GLY C 140 -25.60 -9.44 24.98
CA GLY C 140 -25.81 -9.46 23.55
C GLY C 140 -24.88 -8.58 22.75
N ASN C 141 -24.03 -7.80 23.40
CA ASN C 141 -23.06 -6.94 22.72
C ASN C 141 -21.65 -7.42 23.02
N VAL C 142 -20.79 -7.34 22.00
CA VAL C 142 -19.42 -7.82 22.13
C VAL C 142 -18.60 -6.80 22.94
N ARG C 143 -17.96 -7.28 23.99
CA ARG C 143 -17.10 -6.47 24.83
C ARG C 143 -15.75 -7.15 24.97
N VAL C 144 -14.73 -6.36 25.27
CA VAL C 144 -13.39 -6.92 25.46
C VAL C 144 -13.37 -7.72 26.77
N SER C 145 -12.98 -8.99 26.67
CA SER C 145 -12.99 -9.86 27.83
C SER C 145 -11.69 -9.80 28.59
N ARG C 146 -10.57 -9.72 27.87
CA ARG C 146 -9.26 -9.71 28.50
C ARG C 146 -8.28 -9.03 27.58
N GLU C 147 -7.44 -8.17 28.15
CA GLU C 147 -6.33 -7.56 27.46
C GLU C 147 -5.05 -8.21 27.95
N LEU C 148 -4.27 -8.77 27.04
CA LEU C 148 -3.07 -9.51 27.39
C LEU C 148 -1.87 -8.59 27.21
N ALA C 149 -1.34 -8.09 28.32
CA ALA C 149 -0.19 -7.21 28.33
C ALA C 149 1.03 -7.95 28.84
N GLY C 150 2.20 -7.53 28.36
CA GLY C 150 3.44 -8.18 28.74
C GLY C 150 4.44 -8.24 27.62
N HIS C 151 3.97 -8.19 26.38
CA HIS C 151 4.85 -8.11 25.22
C HIS C 151 5.41 -6.69 25.11
N THR C 152 6.72 -6.59 24.89
CA THR C 152 7.38 -5.29 24.77
C THR C 152 7.58 -4.87 23.31
N GLY C 153 6.90 -5.53 22.37
CA GLY C 153 6.94 -5.17 20.97
C GLY C 153 5.57 -5.39 20.36
N TYR C 154 5.43 -5.00 19.10
CA TYR C 154 4.13 -5.13 18.41
C TYR C 154 3.76 -6.60 18.31
N LEU C 155 2.48 -6.91 18.55
CA LEU C 155 2.05 -8.30 18.49
C LEU C 155 1.67 -8.62 17.05
N SER C 156 2.45 -9.50 16.43
CA SER C 156 2.33 -9.80 15.00
C SER C 156 1.34 -10.90 14.66
N CYS C 157 1.17 -11.90 15.52
CA CYS C 157 0.24 -12.98 15.23
C CYS C 157 -0.25 -13.56 16.54
N CYS C 158 -1.43 -14.18 16.47
CA CYS C 158 -2.04 -14.84 17.62
C CYS C 158 -2.98 -15.92 17.11
N ARG C 159 -3.04 -17.04 17.84
CA ARG C 159 -3.92 -18.15 17.48
C ARG C 159 -4.42 -18.79 18.76
N PHE C 160 -5.73 -18.95 18.88
CA PHE C 160 -6.32 -19.63 20.02
C PHE C 160 -6.02 -21.12 19.95
N LEU C 161 -5.56 -21.69 21.07
CA LEU C 161 -5.57 -23.14 21.20
C LEU C 161 -6.94 -23.61 21.68
N ASP C 162 -7.47 -22.93 22.68
CA ASP C 162 -8.83 -23.14 23.16
C ASP C 162 -9.36 -21.77 23.62
N ASP C 163 -10.45 -21.78 24.39
CA ASP C 163 -11.01 -20.53 24.90
C ASP C 163 -10.16 -19.90 25.99
N ASN C 164 -9.17 -20.61 26.55
CA ASN C 164 -8.39 -20.09 27.65
C ASN C 164 -6.91 -19.94 27.34
N GLN C 165 -6.41 -20.58 26.29
CA GLN C 165 -5.00 -20.48 25.93
C GLN C 165 -4.86 -19.91 24.52
N ILE C 166 -3.88 -19.03 24.35
CA ILE C 166 -3.60 -18.43 23.05
C ILE C 166 -2.11 -18.15 22.96
N VAL C 167 -1.48 -18.62 21.89
CA VAL C 167 -0.08 -18.32 21.63
C VAL C 167 -0.04 -17.03 20.81
N THR C 168 0.70 -16.03 21.30
CA THR C 168 0.83 -14.75 20.63
C THR C 168 2.30 -14.51 20.32
N SER C 169 2.60 -14.28 19.06
CA SER C 169 3.94 -13.92 18.61
C SER C 169 4.03 -12.42 18.45
N SER C 170 5.12 -11.85 18.94
CA SER C 170 5.24 -10.41 18.98
C SER C 170 6.53 -9.93 18.37
N GLY C 171 6.62 -8.61 18.23
CA GLY C 171 7.78 -7.89 17.74
C GLY C 171 8.89 -7.72 18.75
N ASP C 172 8.72 -8.23 19.97
CA ASP C 172 9.80 -8.28 20.95
C ASP C 172 10.66 -9.52 20.83
N THR C 173 10.63 -10.17 19.65
CA THR C 173 11.39 -11.37 19.27
C THR C 173 10.99 -12.61 20.09
N THR C 174 9.84 -12.58 20.76
CA THR C 174 9.41 -13.68 21.60
C THR C 174 7.96 -14.04 21.29
N CYS C 175 7.65 -15.31 21.44
CA CYS C 175 6.28 -15.81 21.41
C CYS C 175 5.86 -16.12 22.84
N ALA C 176 4.57 -15.95 23.12
CA ALA C 176 4.08 -16.14 24.48
C ALA C 176 2.81 -16.98 24.47
N LEU C 177 2.74 -17.94 25.40
CA LEU C 177 1.53 -18.70 25.65
C LEU C 177 0.81 -18.08 26.85
N TRP C 178 -0.43 -17.66 26.62
CA TRP C 178 -1.18 -16.89 27.61
C TRP C 178 -2.26 -17.75 28.25
N ASP C 179 -2.58 -17.40 29.49
CA ASP C 179 -3.76 -17.90 30.19
C ASP C 179 -4.74 -16.74 30.25
N ILE C 180 -5.80 -16.81 29.43
CA ILE C 180 -6.74 -15.70 29.26
C ILE C 180 -7.50 -15.41 30.56
N GLU C 181 -7.78 -16.44 31.35
CA GLU C 181 -8.47 -16.26 32.63
C GLU C 181 -7.63 -15.43 33.60
N THR C 182 -6.31 -15.63 33.61
CA THR C 182 -5.44 -14.86 34.48
C THR C 182 -4.71 -13.73 33.76
N GLY C 183 -4.67 -13.75 32.43
CA GLY C 183 -4.01 -12.68 31.70
C GLY C 183 -2.50 -12.70 31.77
N GLN C 184 -1.91 -13.84 32.11
CA GLN C 184 -0.47 -13.95 32.32
C GLN C 184 0.16 -14.91 31.33
N GLN C 185 1.40 -14.62 30.97
CA GLN C 185 2.19 -15.49 30.09
C GLN C 185 2.57 -16.75 30.85
N THR C 186 1.90 -17.86 30.56
CA THR C 186 2.28 -19.11 31.19
C THR C 186 3.61 -19.63 30.64
N THR C 187 3.92 -19.30 29.39
CA THR C 187 5.16 -19.74 28.78
C THR C 187 5.62 -18.69 27.78
N THR C 188 6.87 -18.28 27.87
CA THR C 188 7.49 -17.37 26.92
C THR C 188 8.46 -18.16 26.05
N PHE C 189 8.36 -17.96 24.74
CA PHE C 189 9.17 -18.71 23.77
C PHE C 189 10.24 -17.78 23.22
N THR C 190 11.45 -17.91 23.76
CA THR C 190 12.58 -17.07 23.37
C THR C 190 13.54 -17.84 22.49
N GLY C 191 14.29 -17.12 21.66
CA GLY C 191 15.27 -17.74 20.79
C GLY C 191 15.41 -17.11 19.44
N HIS C 192 14.35 -16.47 18.95
CA HIS C 192 14.43 -15.73 17.70
C HIS C 192 15.21 -14.44 17.90
N THR C 193 16.24 -14.22 17.09
CA THR C 193 17.00 -12.98 17.19
C THR C 193 16.26 -11.83 16.52
N GLY C 194 15.57 -12.09 15.42
CA GLY C 194 14.70 -11.09 14.82
C GLY C 194 13.29 -11.19 15.33
N ASP C 195 12.51 -10.13 15.12
CA ASP C 195 11.13 -10.12 15.62
C ASP C 195 10.22 -11.07 14.84
N VAL C 196 9.42 -11.83 15.58
CA VAL C 196 8.58 -12.86 14.99
C VAL C 196 7.40 -12.22 14.29
N MET C 197 7.09 -12.71 13.09
CA MET C 197 6.04 -12.13 12.25
C MET C 197 4.80 -12.99 12.15
N SER C 198 4.91 -14.30 12.27
CA SER C 198 3.76 -15.17 12.12
C SER C 198 3.96 -16.41 12.98
N LEU C 199 2.85 -17.08 13.28
CA LEU C 199 2.90 -18.35 13.97
C LEU C 199 1.85 -19.25 13.34
N SER C 200 2.06 -20.56 13.44
CA SER C 200 1.12 -21.52 12.90
C SER C 200 0.98 -22.65 13.90
N LEU C 201 -0.20 -22.78 14.52
CA LEU C 201 -0.44 -23.90 15.42
C LEU C 201 -0.52 -25.22 14.64
N ALA C 202 0.03 -26.26 15.23
CA ALA C 202 -0.09 -27.59 14.67
C ALA C 202 -1.52 -28.08 14.84
N PRO C 203 -1.96 -29.03 14.00
CA PRO C 203 -3.33 -29.57 14.16
C PRO C 203 -3.61 -30.21 15.51
N ASP C 204 -2.62 -30.82 16.15
CA ASP C 204 -2.81 -31.39 17.48
C ASP C 204 -2.56 -30.37 18.59
N THR C 205 -2.15 -29.15 18.24
CA THR C 205 -1.88 -28.00 19.12
C THR C 205 -0.79 -28.27 20.15
N ARG C 206 -0.03 -29.36 20.03
CA ARG C 206 1.09 -29.61 20.92
C ARG C 206 2.33 -28.83 20.50
N LEU C 207 2.36 -28.32 19.28
CA LEU C 207 3.51 -27.60 18.74
C LEU C 207 3.02 -26.39 17.97
N PHE C 208 3.93 -25.46 17.71
CA PHE C 208 3.66 -24.39 16.76
C PHE C 208 4.98 -23.91 16.17
N VAL C 209 4.96 -23.56 14.90
CA VAL C 209 6.12 -23.02 14.22
C VAL C 209 5.95 -21.51 14.12
N SER C 210 7.03 -20.78 14.35
CA SER C 210 7.01 -19.32 14.28
C SER C 210 8.09 -18.87 13.31
N GLY C 211 7.71 -18.01 12.39
CA GLY C 211 8.66 -17.42 11.45
C GLY C 211 8.96 -15.99 11.87
N ALA C 212 10.24 -15.64 11.80
CA ALA C 212 10.69 -14.33 12.26
C ALA C 212 11.49 -13.64 11.17
N CYS C 213 11.93 -12.43 11.47
CA CYS C 213 12.77 -11.65 10.58
C CYS C 213 14.24 -12.02 10.66
N ASP C 214 14.59 -13.10 11.35
CA ASP C 214 15.95 -13.61 11.35
C ASP C 214 16.20 -14.66 10.29
N ALA C 215 15.27 -14.79 9.32
CA ALA C 215 15.30 -15.76 8.22
C ALA C 215 15.35 -17.20 8.74
N SER C 216 14.75 -17.43 9.90
CA SER C 216 14.71 -18.75 10.51
C SER C 216 13.31 -18.99 11.05
N ALA C 217 12.86 -20.23 10.93
CA ALA C 217 11.59 -20.66 11.51
C ALA C 217 11.89 -21.65 12.61
N LYS C 218 11.28 -21.45 13.77
CA LYS C 218 11.53 -22.29 14.94
C LYS C 218 10.29 -23.08 15.31
N LEU C 219 10.48 -24.37 15.54
CA LEU C 219 9.42 -25.26 16.01
C LEU C 219 9.46 -25.29 17.53
N TRP C 220 8.36 -24.93 18.16
CA TRP C 220 8.28 -24.81 19.61
C TRP C 220 7.38 -25.89 20.18
N ASP C 221 7.71 -26.36 21.37
CA ASP C 221 6.85 -27.22 22.14
C ASP C 221 6.03 -26.34 23.08
N VAL C 222 4.71 -26.41 22.97
CA VAL C 222 3.82 -25.52 23.73
C VAL C 222 3.92 -25.82 25.21
N ARG C 223 3.84 -27.10 25.59
CA ARG C 223 3.88 -27.48 26.99
C ARG C 223 5.27 -27.35 27.57
N GLU C 224 6.28 -27.85 26.85
CA GLU C 224 7.64 -27.84 27.37
C GLU C 224 8.26 -26.45 27.33
N GLY C 225 7.94 -25.66 26.30
CA GLY C 225 8.38 -24.28 26.24
C GLY C 225 9.71 -24.06 25.56
N MET C 226 10.38 -25.12 25.13
CA MET C 226 11.66 -25.02 24.44
C MET C 226 11.48 -25.08 22.93
N CYS C 227 12.48 -24.57 22.23
CA CYS C 227 12.50 -24.62 20.77
C CYS C 227 13.08 -25.97 20.38
N ARG C 228 12.23 -26.84 19.84
CA ARG C 228 12.69 -28.18 19.49
C ARG C 228 13.57 -28.17 18.25
N GLN C 229 13.16 -27.43 17.21
CA GLN C 229 13.89 -27.41 15.95
C GLN C 229 13.90 -26.00 15.39
N THR C 230 15.03 -25.61 14.80
CA THR C 230 15.16 -24.32 14.11
C THR C 230 15.45 -24.59 12.65
N PHE C 231 14.65 -23.98 11.78
CA PHE C 231 14.71 -24.23 10.34
C PHE C 231 15.24 -22.99 9.64
N THR C 232 16.37 -23.13 8.99
CA THR C 232 16.96 -22.06 8.19
C THR C 232 16.94 -22.44 6.72
N GLY C 233 17.24 -21.47 5.88
CA GLY C 233 17.19 -21.69 4.45
C GLY C 233 16.63 -20.49 3.70
N HIS C 234 15.75 -19.75 4.34
CA HIS C 234 15.32 -18.48 3.77
C HIS C 234 16.42 -17.45 3.83
N GLU C 235 16.35 -16.49 2.92
CA GLU C 235 17.33 -15.41 2.87
C GLU C 235 16.87 -14.17 3.59
N SER C 236 15.56 -13.92 3.66
CA SER C 236 15.06 -12.68 4.22
C SER C 236 14.03 -12.94 5.31
N ASP C 237 13.34 -11.87 5.74
CA ASP C 237 12.37 -11.93 6.83
C ASP C 237 11.20 -12.85 6.49
N ILE C 238 10.96 -13.84 7.34
CA ILE C 238 9.85 -14.77 7.16
C ILE C 238 8.59 -14.08 7.67
N ASN C 239 7.77 -13.60 6.75
CA ASN C 239 6.53 -12.90 7.10
C ASN C 239 5.37 -13.83 7.31
N ALA C 240 5.44 -15.05 6.80
CA ALA C 240 4.32 -15.97 6.81
C ALA C 240 4.79 -17.37 7.15
N ILE C 241 3.92 -18.11 7.84
CA ILE C 241 4.19 -19.50 8.18
C ILE C 241 2.86 -20.23 8.26
N CYS C 242 2.85 -21.49 7.83
CA CYS C 242 1.63 -22.29 7.84
C CYS C 242 1.98 -23.77 7.91
N PHE C 243 1.32 -24.47 8.83
CA PHE C 243 1.58 -25.88 9.05
C PHE C 243 0.83 -26.72 8.03
N PHE C 244 1.52 -27.72 7.47
CA PHE C 244 0.91 -28.74 6.59
C PHE C 244 -0.21 -29.41 7.36
N PRO C 245 -1.29 -29.84 6.70
CA PRO C 245 -2.42 -30.46 7.43
C PRO C 245 -2.09 -31.72 8.23
N ASN C 246 -1.04 -32.47 7.89
CA ASN C 246 -0.67 -33.59 8.75
C ASN C 246 0.17 -33.19 9.95
N GLY C 247 0.73 -31.98 9.95
CA GLY C 247 1.54 -31.50 11.05
C GLY C 247 3.00 -31.90 10.98
N ASN C 248 3.40 -32.71 10.02
CA ASN C 248 4.78 -33.16 9.88
C ASN C 248 5.63 -32.22 9.06
N ALA C 249 5.06 -31.16 8.49
CA ALA C 249 5.80 -30.22 7.68
C ALA C 249 5.13 -28.86 7.80
N PHE C 250 5.81 -27.83 7.28
CA PHE C 250 5.21 -26.51 7.25
C PHE C 250 5.86 -25.71 6.13
N ALA C 251 5.14 -24.69 5.66
CA ALA C 251 5.62 -23.80 4.62
C ALA C 251 5.74 -22.39 5.18
N THR C 252 6.76 -21.68 4.70
CA THR C 252 7.05 -20.32 5.11
C THR C 252 6.97 -19.39 3.92
N GLY C 253 6.66 -18.14 4.19
CA GLY C 253 6.71 -17.09 3.19
C GLY C 253 7.63 -15.98 3.66
N SER C 254 8.47 -15.50 2.76
CA SER C 254 9.49 -14.55 3.13
C SER C 254 9.57 -13.38 2.15
N ASP C 255 10.39 -12.39 2.51
CA ASP C 255 10.65 -11.24 1.66
C ASP C 255 11.65 -11.53 0.54
N ASP C 256 12.29 -12.71 0.53
CA ASP C 256 13.21 -13.07 -0.53
C ASP C 256 12.52 -13.62 -1.79
N ALA C 257 11.20 -13.40 -1.91
CA ALA C 257 10.36 -13.82 -3.04
C ALA C 257 10.33 -15.32 -3.22
N THR C 258 10.56 -16.07 -2.14
CA THR C 258 10.52 -17.52 -2.16
C THR C 258 9.61 -18.02 -1.05
N CYS C 259 8.85 -19.07 -1.35
CA CYS C 259 8.18 -19.87 -0.34
C CYS C 259 8.96 -21.16 -0.19
N ARG C 260 9.22 -21.56 1.04
CA ARG C 260 9.99 -22.77 1.30
C ARG C 260 9.20 -23.71 2.20
N LEU C 261 9.20 -24.99 1.84
CA LEU C 261 8.54 -26.03 2.60
C LEU C 261 9.57 -26.75 3.46
N PHE C 262 9.39 -26.69 4.78
CA PHE C 262 10.27 -27.34 5.73
C PHE C 262 9.56 -28.52 6.36
N ASP C 263 10.27 -29.64 6.49
CA ASP C 263 9.74 -30.84 7.11
C ASP C 263 10.33 -30.98 8.50
N LEU C 264 9.46 -31.23 9.49
CA LEU C 264 9.89 -31.32 10.89
C LEU C 264 10.81 -32.52 11.10
N ARG C 265 10.43 -33.67 10.56
CA ARG C 265 11.19 -34.89 10.81
C ARG C 265 12.44 -35.02 9.96
N ALA C 266 12.53 -34.28 8.85
CA ALA C 266 13.77 -34.19 8.11
C ALA C 266 14.62 -33.00 8.54
N ASP C 267 14.02 -32.04 9.23
CA ASP C 267 14.67 -30.87 9.82
C ASP C 267 15.41 -30.03 8.78
N GLN C 268 14.84 -29.93 7.59
CA GLN C 268 15.43 -29.13 6.52
C GLN C 268 14.36 -28.78 5.50
N GLU C 269 14.70 -27.83 4.63
CA GLU C 269 13.83 -27.40 3.55
C GLU C 269 13.67 -28.51 2.52
N LEU C 270 12.42 -28.77 2.11
CA LEU C 270 12.16 -29.75 1.08
C LEU C 270 12.06 -29.13 -0.31
N MET C 271 11.38 -28.00 -0.42
CA MET C 271 11.09 -27.40 -1.71
C MET C 271 11.11 -25.88 -1.57
N THR C 272 11.56 -25.21 -2.62
CA THR C 272 11.50 -23.76 -2.73
C THR C 272 10.52 -23.37 -3.82
N TYR C 273 9.54 -22.55 -3.48
CA TYR C 273 8.48 -22.13 -4.40
C TYR C 273 8.79 -20.71 -4.84
N SER C 274 9.52 -20.57 -5.95
CA SER C 274 9.93 -19.28 -6.45
C SER C 274 9.93 -19.29 -7.96
N HIS C 275 9.83 -18.10 -8.55
CA HIS C 275 9.95 -17.93 -9.98
C HIS C 275 10.80 -16.69 -10.23
N ASP C 276 11.47 -16.67 -11.39
CA ASP C 276 12.38 -15.57 -11.73
C ASP C 276 11.66 -14.24 -11.87
N ASN C 277 10.39 -14.25 -12.30
CA ASN C 277 9.64 -13.02 -12.45
C ASN C 277 9.01 -12.55 -11.14
N ILE C 278 9.20 -13.27 -10.05
CA ILE C 278 8.71 -12.90 -8.74
C ILE C 278 9.87 -12.28 -7.96
N ILE C 279 9.73 -10.99 -7.63
CA ILE C 279 10.76 -10.26 -6.90
C ILE C 279 10.10 -9.59 -5.69
N CYS C 280 8.87 -9.98 -5.39
CA CYS C 280 8.11 -9.42 -4.30
C CYS C 280 8.01 -10.41 -3.15
N GLY C 281 7.97 -9.87 -1.92
CA GLY C 281 7.89 -10.70 -0.74
C GLY C 281 6.54 -11.38 -0.59
N ILE C 282 6.52 -12.38 0.28
CA ILE C 282 5.32 -13.16 0.58
C ILE C 282 4.82 -12.74 1.95
N THR C 283 3.58 -12.25 2.00
CA THR C 283 3.00 -11.83 3.27
C THR C 283 2.21 -12.93 3.95
N SER C 284 1.54 -13.77 3.19
CA SER C 284 0.71 -14.82 3.75
C SER C 284 0.90 -16.11 2.97
N VAL C 285 0.88 -17.23 3.68
CA VAL C 285 0.86 -18.55 3.08
C VAL C 285 -0.26 -19.34 3.74
N SER C 286 -0.79 -20.32 3.01
CA SER C 286 -1.82 -21.21 3.52
C SER C 286 -1.91 -22.42 2.61
N PHE C 287 -2.08 -23.59 3.20
CA PHE C 287 -2.26 -24.81 2.44
C PHE C 287 -3.74 -25.06 2.18
N SER C 288 -3.99 -25.90 1.18
CA SER C 288 -5.32 -26.46 0.98
C SER C 288 -5.55 -27.57 2.00
N LYS C 289 -6.74 -28.19 1.95
CA LYS C 289 -7.09 -29.23 2.92
C LYS C 289 -6.19 -30.46 2.77
N SER C 290 -5.86 -30.84 1.54
CA SER C 290 -4.96 -31.96 1.33
C SER C 290 -3.50 -31.56 1.43
N GLY C 291 -3.20 -30.26 1.44
CA GLY C 291 -1.83 -29.79 1.42
C GLY C 291 -1.19 -29.80 0.05
N ARG C 292 -1.93 -30.21 -0.99
CA ARG C 292 -1.35 -30.27 -2.34
C ARG C 292 -1.11 -28.87 -2.90
N LEU C 293 -2.00 -27.94 -2.60
CA LEU C 293 -1.88 -26.57 -3.08
C LEU C 293 -1.37 -25.69 -1.96
N LEU C 294 -0.30 -24.95 -2.24
CA LEU C 294 0.23 -23.96 -1.32
C LEU C 294 -0.16 -22.60 -1.87
N LEU C 295 -1.16 -21.98 -1.26
CA LEU C 295 -1.60 -20.66 -1.65
C LEU C 295 -0.81 -19.62 -0.87
N ALA C 296 -0.17 -18.70 -1.60
CA ALA C 296 0.68 -17.70 -1.00
C ALA C 296 0.31 -16.32 -1.52
N GLY C 297 0.14 -15.37 -0.60
CA GLY C 297 -0.11 -13.99 -0.99
C GLY C 297 1.19 -13.22 -1.13
N TYR C 298 1.26 -12.38 -2.15
CA TYR C 298 2.48 -11.68 -2.50
C TYR C 298 2.27 -10.16 -2.45
N ASP C 299 3.39 -9.44 -2.62
CA ASP C 299 3.36 -7.99 -2.69
C ASP C 299 3.07 -7.45 -4.08
N ASP C 300 3.04 -8.30 -5.13
CA ASP C 300 2.68 -7.86 -6.47
C ASP C 300 1.17 -7.80 -6.71
N PHE C 301 0.40 -7.75 -5.62
CA PHE C 301 -1.06 -7.65 -5.52
C PHE C 301 -1.75 -8.93 -5.94
N ASN C 302 -1.01 -10.02 -6.10
CA ASN C 302 -1.54 -11.28 -6.60
C ASN C 302 -1.19 -12.41 -5.64
N CYS C 303 -1.98 -13.47 -5.67
CA CYS C 303 -1.72 -14.68 -4.90
C CYS C 303 -1.46 -15.85 -5.83
N ASN C 304 -0.24 -16.36 -5.80
CA ASN C 304 0.15 -17.47 -6.65
C ASN C 304 -0.16 -18.78 -5.93
N VAL C 305 -0.96 -19.62 -6.57
CA VAL C 305 -1.22 -20.97 -6.06
C VAL C 305 -0.07 -21.85 -6.49
N TRP C 306 0.58 -22.49 -5.52
CA TRP C 306 1.75 -23.32 -5.78
C TRP C 306 1.40 -24.78 -5.58
N ASP C 307 1.77 -25.61 -6.55
CA ASP C 307 1.72 -27.05 -6.37
C ASP C 307 2.81 -27.42 -5.35
N ALA C 308 2.39 -27.76 -4.13
CA ALA C 308 3.31 -27.96 -3.01
C ALA C 308 4.26 -29.13 -3.23
N LEU C 309 3.89 -30.11 -4.06
CA LEU C 309 4.74 -31.25 -4.29
C LEU C 309 5.64 -31.09 -5.51
N LYS C 310 5.26 -30.26 -6.47
CA LYS C 310 6.02 -30.13 -7.71
C LYS C 310 6.57 -28.74 -7.97
N ALA C 311 6.36 -27.78 -7.05
CA ALA C 311 6.89 -26.41 -7.12
C ALA C 311 6.43 -25.66 -8.36
N ASP C 312 5.27 -26.02 -8.90
CA ASP C 312 4.73 -25.40 -10.09
C ASP C 312 3.65 -24.41 -9.69
N ARG C 313 3.69 -23.22 -10.28
CA ARG C 313 2.67 -22.22 -10.00
C ARG C 313 1.37 -22.68 -10.65
N ALA C 314 0.48 -23.23 -9.83
CA ALA C 314 -0.78 -23.80 -10.33
C ALA C 314 -1.71 -22.73 -10.86
N GLY C 315 -1.72 -21.56 -10.24
CA GLY C 315 -2.64 -20.52 -10.67
C GLY C 315 -2.31 -19.22 -9.96
N VAL C 316 -3.04 -18.17 -10.34
CA VAL C 316 -2.86 -16.84 -9.79
C VAL C 316 -4.22 -16.34 -9.34
N LEU C 317 -4.29 -15.84 -8.11
CA LEU C 317 -5.50 -15.19 -7.59
C LEU C 317 -5.29 -13.68 -7.71
N ALA C 318 -5.51 -13.17 -8.91
CA ALA C 318 -5.28 -11.76 -9.24
C ALA C 318 -6.62 -11.04 -9.20
N GLY C 319 -6.96 -10.49 -8.03
CA GLY C 319 -8.17 -9.70 -7.93
C GLY C 319 -8.06 -8.52 -6.98
N HIS C 320 -6.87 -8.25 -6.47
CA HIS C 320 -6.66 -7.18 -5.51
C HIS C 320 -5.83 -6.07 -6.13
N ASP C 321 -6.23 -4.83 -5.87
CA ASP C 321 -5.56 -3.66 -6.39
C ASP C 321 -4.43 -3.17 -5.49
N ASN C 322 -4.27 -3.73 -4.30
CA ASN C 322 -3.23 -3.33 -3.38
C ASN C 322 -2.62 -4.59 -2.78
N ARG C 323 -1.70 -4.40 -1.83
CA ARG C 323 -0.90 -5.48 -1.26
C ARG C 323 -1.75 -6.53 -0.57
N VAL C 324 -1.52 -7.80 -0.93
CA VAL C 324 -2.18 -8.92 -0.29
C VAL C 324 -1.46 -9.17 1.04
N SER C 325 -2.15 -8.94 2.14
CA SER C 325 -1.55 -9.07 3.46
C SER C 325 -1.88 -10.39 4.14
N CYS C 326 -3.06 -10.95 3.89
CA CYS C 326 -3.50 -12.15 4.56
C CYS C 326 -4.20 -13.09 3.59
N LEU C 327 -4.16 -14.37 3.93
CA LEU C 327 -4.75 -15.42 3.10
C LEU C 327 -5.14 -16.56 4.03
N GLY C 328 -6.39 -17.00 3.93
CA GLY C 328 -6.85 -18.08 4.78
C GLY C 328 -7.70 -19.10 4.05
N VAL C 329 -7.43 -20.37 4.30
CA VAL C 329 -8.19 -21.49 3.75
C VAL C 329 -9.01 -22.10 4.88
N THR C 330 -10.28 -22.39 4.58
CA THR C 330 -11.20 -22.96 5.56
C THR C 330 -10.73 -24.35 6.01
N ASP C 331 -11.34 -24.82 7.10
CA ASP C 331 -11.05 -26.15 7.62
C ASP C 331 -11.48 -27.24 6.64
N ASP C 332 -12.64 -27.07 6.02
CA ASP C 332 -13.09 -28.05 5.03
C ASP C 332 -12.49 -27.81 3.65
N GLY C 333 -11.70 -26.75 3.47
CA GLY C 333 -11.08 -26.48 2.21
C GLY C 333 -12.00 -25.95 1.13
N MET C 334 -13.23 -25.57 1.49
CA MET C 334 -14.18 -25.13 0.49
C MET C 334 -13.89 -23.74 -0.06
N ALA C 335 -13.09 -22.93 0.63
CA ALA C 335 -12.93 -21.55 0.22
C ALA C 335 -11.56 -21.04 0.61
N VAL C 336 -11.16 -19.95 -0.05
CA VAL C 336 -9.94 -19.22 0.25
C VAL C 336 -10.33 -17.76 0.42
N ALA C 337 -10.07 -17.21 1.59
CA ALA C 337 -10.33 -15.81 1.86
C ALA C 337 -9.03 -15.04 1.75
N THR C 338 -9.01 -14.06 0.87
CA THR C 338 -7.82 -13.24 0.64
C THR C 338 -8.15 -11.79 0.97
N GLY C 339 -7.82 -11.38 2.19
CA GLY C 339 -7.83 -9.97 2.50
C GLY C 339 -6.62 -9.28 1.92
N SER C 340 -6.72 -7.96 1.77
CA SER C 340 -5.65 -7.19 1.17
C SER C 340 -5.69 -5.76 1.67
N TRP C 341 -4.72 -4.98 1.20
CA TRP C 341 -4.61 -3.57 1.55
C TRP C 341 -5.51 -2.66 0.72
N ASP C 342 -6.25 -3.20 -0.24
CA ASP C 342 -7.23 -2.43 -1.00
C ASP C 342 -8.55 -2.25 -0.26
N SER C 343 -8.60 -2.67 1.01
CA SER C 343 -9.75 -2.61 1.92
C SER C 343 -10.89 -3.52 1.47
N PHE C 344 -10.56 -4.66 0.85
CA PHE C 344 -11.56 -5.65 0.43
C PHE C 344 -11.06 -7.05 0.73
N LEU C 345 -11.97 -7.92 1.17
CA LEU C 345 -11.72 -9.35 1.30
C LEU C 345 -12.44 -10.09 0.17
N LYS C 346 -11.73 -10.98 -0.49
CA LYS C 346 -12.29 -11.75 -1.59
C LYS C 346 -12.25 -13.23 -1.23
N ILE C 347 -13.36 -13.92 -1.49
CA ILE C 347 -13.49 -15.35 -1.25
C ILE C 347 -13.31 -16.06 -2.59
N TRP C 348 -12.39 -17.02 -2.63
CA TRP C 348 -12.03 -17.70 -3.87
C TRP C 348 -12.23 -19.20 -3.74
N ASN C 349 -12.81 -19.80 -4.77
CA ASN C 349 -12.83 -21.26 -4.98
C ASN C 349 -13.26 -21.57 -6.41
N SER D 7 26.61 -10.86 26.44
CA SER D 7 26.88 -11.50 25.16
C SER D 7 27.35 -12.92 25.37
N ILE D 8 28.13 -13.12 26.43
CA ILE D 8 28.61 -14.47 26.78
C ILE D 8 27.45 -15.37 27.17
N ALA D 9 26.50 -14.84 27.94
CA ALA D 9 25.30 -15.61 28.29
C ALA D 9 24.44 -15.90 27.07
N GLN D 10 24.33 -14.93 26.16
CA GLN D 10 23.57 -15.12 24.92
C GLN D 10 24.21 -16.18 24.04
N ALA D 11 25.54 -16.16 23.92
CA ALA D 11 26.25 -17.17 23.14
C ALA D 11 26.15 -18.55 23.79
N ARG D 12 26.24 -18.61 25.12
CA ARG D 12 26.14 -19.89 25.83
C ARG D 12 24.75 -20.49 25.69
N LYS D 13 23.72 -19.65 25.75
CA LYS D 13 22.34 -20.12 25.53
C LYS D 13 22.15 -20.61 24.10
N LEU D 14 22.81 -19.98 23.13
CA LEU D 14 22.76 -20.43 21.74
C LEU D 14 23.40 -21.80 21.58
N VAL D 15 24.50 -22.05 22.30
CA VAL D 15 25.20 -23.34 22.21
C VAL D 15 24.34 -24.45 22.79
N GLU D 16 23.70 -24.21 23.93
CA GLU D 16 22.83 -25.20 24.56
C GLU D 16 21.63 -25.53 23.67
N GLN D 17 21.06 -24.52 23.00
CA GLN D 17 19.97 -24.76 22.07
C GLN D 17 20.44 -25.57 20.86
N LEU D 18 21.62 -25.25 20.33
CA LEU D 18 22.17 -26.00 19.20
C LEU D 18 22.50 -27.45 19.57
N LYS D 19 22.90 -27.70 20.82
CA LYS D 19 23.09 -29.06 21.28
C LYS D 19 21.78 -29.85 21.29
N MET D 20 20.69 -29.20 21.70
CA MET D 20 19.37 -29.83 21.64
C MET D 20 18.95 -30.11 20.21
N GLU D 21 19.24 -29.19 19.29
CA GLU D 21 18.86 -29.36 17.89
C GLU D 21 19.75 -30.36 17.16
N ALA D 22 20.99 -30.54 17.59
CA ALA D 22 21.86 -31.52 16.96
C ALA D 22 21.63 -32.93 17.46
N ASN D 23 20.81 -33.11 18.49
CA ASN D 23 20.53 -34.43 19.07
C ASN D 23 19.10 -34.88 18.80
N ILE D 24 18.59 -34.61 17.61
CA ILE D 24 17.24 -35.00 17.22
C ILE D 24 17.35 -36.09 16.15
N ASP D 25 16.41 -37.04 16.20
CA ASP D 25 16.39 -38.14 15.25
C ASP D 25 15.75 -37.64 13.95
N ARG D 26 16.55 -37.54 12.90
CA ARG D 26 16.09 -37.04 11.61
C ARG D 26 15.89 -38.19 10.65
N ILE D 27 14.70 -38.28 10.06
CA ILE D 27 14.43 -39.27 9.03
C ILE D 27 14.94 -38.74 7.70
N LYS D 28 15.02 -39.61 6.70
CA LYS D 28 15.46 -39.22 5.37
C LYS D 28 14.46 -38.27 4.73
N VAL D 29 14.98 -37.37 3.88
CA VAL D 29 14.13 -36.48 3.09
C VAL D 29 13.26 -37.26 2.12
N SER D 30 13.76 -38.41 1.64
CA SER D 30 12.94 -39.29 0.80
C SER D 30 11.74 -39.83 1.55
N LYS D 31 11.93 -40.25 2.80
CA LYS D 31 10.84 -40.76 3.62
C LYS D 31 9.81 -39.67 3.93
N ALA D 32 10.29 -38.47 4.26
CA ALA D 32 9.40 -37.34 4.55
C ALA D 32 8.63 -36.91 3.30
N ALA D 33 9.30 -36.91 2.16
CA ALA D 33 8.68 -36.60 0.88
C ALA D 33 7.61 -37.62 0.53
N ALA D 34 7.91 -38.91 0.76
CA ALA D 34 6.94 -39.97 0.53
C ALA D 34 5.72 -39.81 1.44
N ASP D 35 5.95 -39.45 2.71
CA ASP D 35 4.84 -39.24 3.64
C ASP D 35 3.96 -38.05 3.23
N LEU D 36 4.58 -36.94 2.82
CA LEU D 36 3.81 -35.78 2.36
C LEU D 36 3.03 -36.09 1.08
N MET D 37 3.67 -36.79 0.14
CA MET D 37 3.01 -37.18 -1.10
C MET D 37 1.86 -38.15 -0.85
N ALA D 38 2.05 -39.09 0.08
CA ALA D 38 0.99 -40.01 0.46
C ALA D 38 -0.16 -39.29 1.14
N TYR D 39 0.14 -38.30 1.98
CA TYR D 39 -0.92 -37.52 2.61
C TYR D 39 -1.71 -36.71 1.57
N CYS D 40 -1.01 -36.13 0.60
CA CYS D 40 -1.70 -35.38 -0.45
C CYS D 40 -2.57 -36.28 -1.31
N GLU D 41 -2.08 -37.46 -1.69
CA GLU D 41 -2.87 -38.35 -2.53
C GLU D 41 -3.99 -39.05 -1.76
N ALA D 42 -3.85 -39.17 -0.44
CA ALA D 42 -4.91 -39.77 0.37
C ALA D 42 -6.01 -38.78 0.73
N HIS D 43 -5.79 -37.49 0.54
CA HIS D 43 -6.78 -36.46 0.84
C HIS D 43 -7.12 -35.60 -0.36
N ALA D 44 -6.70 -36.01 -1.56
CA ALA D 44 -6.97 -35.24 -2.77
C ALA D 44 -8.46 -35.21 -3.11
N LYS D 45 -9.16 -36.31 -2.84
CA LYS D 45 -10.59 -36.37 -3.13
C LYS D 45 -11.39 -35.42 -2.25
N GLU D 46 -10.97 -35.22 -1.01
CA GLU D 46 -11.63 -34.30 -0.09
C GLU D 46 -10.98 -32.92 -0.08
N ASP D 47 -10.35 -32.51 -1.18
CA ASP D 47 -9.78 -31.17 -1.30
C ASP D 47 -10.57 -30.42 -2.35
N PRO D 48 -11.50 -29.54 -1.94
CA PRO D 48 -12.31 -28.78 -2.92
C PRO D 48 -11.51 -27.87 -3.83
N LEU D 49 -10.43 -27.27 -3.32
CA LEU D 49 -9.60 -26.39 -4.15
C LEU D 49 -8.88 -27.18 -5.24
N LEU D 50 -8.42 -28.39 -4.90
CA LEU D 50 -7.73 -29.23 -5.87
C LEU D 50 -8.70 -29.79 -6.91
N THR D 51 -9.69 -30.53 -6.44
CA THR D 51 -10.75 -31.04 -7.32
C THR D 51 -12.02 -30.23 -7.05
N PRO D 52 -12.43 -29.37 -7.98
CA PRO D 52 -13.62 -28.54 -7.75
C PRO D 52 -14.90 -29.36 -7.54
N VAL D 53 -15.69 -28.92 -6.59
CA VAL D 53 -16.95 -29.57 -6.22
C VAL D 53 -18.05 -29.10 -7.17
N PRO D 54 -19.16 -29.84 -7.30
CA PRO D 54 -20.31 -29.29 -8.03
C PRO D 54 -20.88 -28.06 -7.35
N ALA D 55 -21.48 -27.18 -8.16
CA ALA D 55 -22.06 -25.93 -7.68
C ALA D 55 -23.20 -26.14 -6.68
N SER D 56 -23.85 -27.31 -6.71
CA SER D 56 -24.91 -27.60 -5.74
C SER D 56 -24.34 -27.72 -4.33
N GLU D 57 -23.17 -28.37 -4.18
CA GLU D 57 -22.56 -28.55 -2.88
C GLU D 57 -21.66 -27.39 -2.47
N ASN D 58 -21.44 -26.42 -3.35
CA ASN D 58 -20.60 -25.28 -3.04
C ASN D 58 -21.45 -24.18 -2.40
N PRO D 59 -21.17 -23.78 -1.15
CA PRO D 59 -21.95 -22.70 -0.53
C PRO D 59 -21.64 -21.31 -1.08
N PHE D 60 -20.66 -21.18 -1.96
CA PHE D 60 -20.27 -19.89 -2.51
C PHE D 60 -20.64 -19.76 -3.99
N ARG D 61 -21.53 -20.62 -4.48
CA ARG D 61 -21.97 -20.56 -5.87
C ARG D 61 -23.17 -19.65 -6.02
N GLN E 1 20.73 -20.66 5.79
CA GLN E 1 21.42 -20.01 6.89
C GLN E 1 22.21 -18.80 6.39
N VAL E 2 21.66 -17.62 6.60
CA VAL E 2 22.34 -16.37 6.25
C VAL E 2 23.54 -16.21 7.17
N GLN E 3 24.73 -16.18 6.59
CA GLN E 3 25.96 -16.12 7.37
C GLN E 3 26.89 -15.10 6.72
N LEU E 4 27.30 -14.10 7.51
CA LEU E 4 28.26 -13.10 7.09
C LEU E 4 29.49 -13.22 7.96
N GLN E 5 30.65 -13.38 7.34
CA GLN E 5 31.90 -13.64 8.06
C GLN E 5 32.90 -12.55 7.72
N GLU E 6 33.11 -11.62 8.65
CA GLU E 6 34.11 -10.58 8.49
C GLU E 6 35.51 -11.13 8.75
N SER E 7 36.49 -10.51 8.10
CA SER E 7 37.89 -10.89 8.25
C SER E 7 38.74 -9.70 7.84
N GLY E 8 40.03 -9.79 8.17
CA GLY E 8 40.99 -8.77 7.81
C GLY E 8 41.23 -7.69 8.84
N GLY E 9 40.42 -7.63 9.89
CA GLY E 9 40.65 -6.64 10.93
C GLY E 9 41.80 -7.01 11.85
N GLY E 10 42.34 -6.00 12.51
CA GLY E 10 43.43 -6.22 13.43
C GLY E 10 44.08 -4.91 13.82
N LEU E 11 45.19 -5.03 14.55
CA LEU E 11 45.93 -3.85 14.98
C LEU E 11 46.64 -3.22 13.79
N VAL E 12 46.44 -1.92 13.62
CA VAL E 12 47.02 -1.16 12.52
C VAL E 12 47.46 0.21 13.02
N GLN E 13 48.64 0.64 12.58
CA GLN E 13 49.15 1.94 12.97
C GLN E 13 48.29 3.05 12.38
N PRO E 14 48.19 4.20 13.05
CA PRO E 14 47.47 5.35 12.47
C PRO E 14 48.07 5.79 11.14
N GLY E 15 47.19 6.09 10.19
CA GLY E 15 47.61 6.33 8.83
C GLY E 15 47.82 5.09 8.00
N GLY E 16 47.62 3.91 8.57
CA GLY E 16 47.84 2.65 7.87
C GLY E 16 46.63 2.22 7.06
N SER E 17 46.81 1.12 6.34
CA SER E 17 45.79 0.57 5.48
C SER E 17 45.36 -0.80 5.97
N LEU E 18 44.09 -1.13 5.75
CA LEU E 18 43.54 -2.41 6.21
C LEU E 18 42.37 -2.77 5.31
N ARG E 19 42.40 -3.95 4.72
CA ARG E 19 41.35 -4.40 3.82
C ARG E 19 40.50 -5.44 4.52
N LEU E 20 39.20 -5.19 4.60
CA LEU E 20 38.26 -6.11 5.22
C LEU E 20 37.57 -6.94 4.15
N SER E 21 37.28 -8.18 4.50
CA SER E 21 36.58 -9.10 3.62
C SER E 21 35.37 -9.65 4.36
N CYS E 22 34.24 -9.73 3.67
CA CYS E 22 33.00 -10.24 4.24
C CYS E 22 32.55 -11.42 3.39
N ALA E 23 32.84 -12.63 3.84
CA ALA E 23 32.37 -13.83 3.16
C ALA E 23 30.88 -14.02 3.42
N ALA E 24 30.09 -14.03 2.35
CA ALA E 24 28.65 -14.11 2.44
C ALA E 24 28.16 -15.46 1.96
N SER E 25 27.18 -16.02 2.66
CA SER E 25 26.61 -17.30 2.30
C SER E 25 25.17 -17.35 2.76
N GLY E 26 24.41 -18.27 2.18
CA GLY E 26 23.02 -18.45 2.53
C GLY E 26 22.05 -17.53 1.84
N PHE E 27 22.52 -16.62 0.99
CA PHE E 27 21.63 -15.74 0.25
C PHE E 27 22.29 -15.37 -1.06
N THR E 28 21.46 -14.95 -2.01
CA THR E 28 21.97 -14.47 -3.29
C THR E 28 22.59 -13.10 -3.08
N PHE E 29 23.92 -13.05 -3.12
CA PHE E 29 24.68 -11.83 -2.79
C PHE E 29 24.36 -10.68 -3.72
N SER E 30 24.18 -10.98 -5.01
CA SER E 30 23.95 -9.95 -6.01
C SER E 30 22.57 -9.31 -5.92
N ASN E 31 21.65 -9.86 -5.14
CA ASN E 31 20.31 -9.30 -5.02
C ASN E 31 20.16 -8.31 -3.87
N TYR E 32 21.19 -8.13 -3.06
CA TYR E 32 21.09 -7.32 -1.86
C TYR E 32 22.10 -6.19 -1.86
N LYS E 33 21.67 -5.02 -1.42
CA LYS E 33 22.59 -3.95 -1.09
C LYS E 33 23.32 -4.32 0.20
N MET E 34 24.63 -4.11 0.23
CA MET E 34 25.47 -4.49 1.34
C MET E 34 25.94 -3.25 2.10
N ASN E 35 26.06 -3.36 3.42
CA ASN E 35 26.40 -2.25 4.29
C ASN E 35 27.60 -2.60 5.16
N TRP E 36 28.33 -1.58 5.57
CA TRP E 36 29.35 -1.69 6.61
C TRP E 36 28.93 -0.81 7.77
N VAL E 37 28.92 -1.36 8.97
CA VAL E 37 28.54 -0.62 10.17
C VAL E 37 29.64 -0.75 11.21
N ARG E 38 29.73 0.25 12.09
CA ARG E 38 30.76 0.34 13.11
C ARG E 38 30.19 0.08 14.50
N GLN E 39 31.09 -0.20 15.44
CA GLN E 39 30.77 -0.30 16.87
C GLN E 39 31.95 0.32 17.61
N ALA E 40 31.89 1.61 17.84
CA ALA E 40 32.98 2.23 18.57
C ALA E 40 32.85 1.92 20.05
N PRO E 41 33.97 1.85 20.78
CA PRO E 41 33.90 1.65 22.24
C PRO E 41 33.20 2.81 22.94
N GLY E 42 32.07 2.48 23.58
CA GLY E 42 31.27 3.47 24.28
C GLY E 42 30.35 4.29 23.40
N LYS E 43 30.25 3.95 22.12
CA LYS E 43 29.42 4.67 21.18
C LYS E 43 28.46 3.70 20.50
N GLY E 44 27.37 4.24 19.97
CA GLY E 44 26.39 3.43 19.30
C GLY E 44 26.83 3.01 17.92
N LEU E 45 25.97 2.23 17.26
CA LEU E 45 26.29 1.69 15.95
C LEU E 45 26.23 2.78 14.90
N GLU E 46 27.27 2.87 14.08
CA GLU E 46 27.37 3.89 13.04
C GLU E 46 27.51 3.23 11.68
N TRP E 47 26.63 3.60 10.76
CA TRP E 47 26.71 3.14 9.38
C TRP E 47 27.92 3.76 8.70
N VAL E 48 28.73 2.94 8.04
CA VAL E 48 29.94 3.40 7.40
C VAL E 48 29.76 3.60 5.90
N SER E 49 29.31 2.58 5.20
CA SER E 49 29.15 2.69 3.76
C SER E 49 28.12 1.68 3.27
N ASP E 50 27.59 1.93 2.07
CA ASP E 50 26.79 0.95 1.38
C ASP E 50 27.20 0.86 -0.08
N ILE E 51 26.94 -0.31 -0.66
CA ILE E 51 27.16 -0.56 -2.07
C ILE E 51 25.91 -1.25 -2.61
N SER E 52 25.47 -0.83 -3.80
CA SER E 52 24.22 -1.34 -4.35
C SER E 52 24.39 -2.79 -4.82
N GLN E 53 23.28 -3.35 -5.32
CA GLN E 53 23.26 -4.72 -5.81
C GLN E 53 24.22 -4.89 -6.99
N SER E 54 24.20 -3.96 -7.94
CA SER E 54 25.14 -4.01 -9.05
C SER E 54 26.52 -3.52 -8.66
N GLY E 55 26.60 -2.59 -7.71
CA GLY E 55 27.84 -1.96 -7.35
C GLY E 55 28.02 -0.55 -7.86
N ALA E 56 26.98 0.05 -8.46
CA ALA E 56 27.07 1.39 -9.00
C ALA E 56 26.79 2.47 -7.95
N SER E 57 25.71 2.31 -7.19
CA SER E 57 25.35 3.29 -6.16
C SER E 57 26.17 3.01 -4.91
N ILE E 58 27.17 3.86 -4.68
CA ILE E 58 28.07 3.73 -3.53
C ILE E 58 28.01 5.02 -2.74
N SER E 59 27.69 4.91 -1.45
CA SER E 59 27.67 6.07 -0.56
C SER E 59 28.41 5.74 0.72
N TYR E 60 29.22 6.68 1.19
CA TYR E 60 29.98 6.57 2.43
C TYR E 60 29.48 7.59 3.43
N THR E 61 29.67 7.28 4.72
CA THR E 61 29.49 8.33 5.71
C THR E 61 30.64 9.32 5.58
N GLY E 62 30.36 10.58 5.95
CA GLY E 62 31.31 11.66 5.72
C GLY E 62 32.63 11.53 6.45
N SER E 63 32.64 10.80 7.57
CA SER E 63 33.88 10.62 8.31
C SER E 63 34.89 9.74 7.59
N VAL E 64 34.46 8.95 6.60
CA VAL E 64 35.35 8.03 5.90
C VAL E 64 35.46 8.33 4.42
N LYS E 65 34.78 9.36 3.92
CA LYS E 65 34.86 9.74 2.51
C LYS E 65 36.29 10.15 2.14
N GLY E 66 36.77 9.62 1.02
CA GLY E 66 38.13 9.83 0.59
C GLY E 66 39.12 8.88 1.20
N ARG E 67 38.72 8.10 2.20
CA ARG E 67 39.59 7.15 2.88
C ARG E 67 39.14 5.71 2.72
N PHE E 68 37.85 5.44 2.82
CA PHE E 68 37.33 4.08 2.70
C PHE E 68 36.81 3.86 1.29
N THR E 69 37.02 2.65 0.77
CA THR E 69 36.56 2.27 -0.56
C THR E 69 35.86 0.92 -0.44
N ILE E 70 34.54 0.92 -0.49
CA ILE E 70 33.77 -0.31 -0.43
C ILE E 70 33.71 -0.90 -1.83
N SER E 71 33.75 -2.23 -1.90
CA SER E 71 33.62 -2.93 -3.17
C SER E 71 33.02 -4.30 -2.87
N ARG E 72 32.42 -4.89 -3.90
CA ARG E 72 31.83 -6.21 -3.77
C ARG E 72 32.17 -7.04 -5.00
N ASP E 73 32.22 -8.35 -4.80
CA ASP E 73 32.40 -9.31 -5.89
C ASP E 73 31.23 -10.28 -5.79
N ASN E 74 30.22 -10.09 -6.65
CA ASN E 74 29.05 -10.95 -6.64
C ASN E 74 29.39 -12.38 -7.05
N ALA E 75 30.42 -12.56 -7.89
CA ALA E 75 30.86 -13.89 -8.27
C ALA E 75 31.43 -14.65 -7.08
N LYS E 76 32.23 -13.98 -6.25
CA LYS E 76 32.84 -14.63 -5.09
C LYS E 76 32.05 -14.42 -3.81
N ASN E 77 30.91 -13.70 -3.87
CA ASN E 77 30.03 -13.40 -2.73
C ASN E 77 30.78 -12.74 -1.59
N THR E 78 31.68 -11.81 -1.92
CA THR E 78 32.53 -11.16 -0.94
C THR E 78 32.29 -9.66 -0.96
N LEU E 79 32.18 -9.06 0.22
CA LEU E 79 32.05 -7.63 0.40
C LEU E 79 33.34 -7.10 0.98
N TYR E 80 33.95 -6.12 0.32
CA TYR E 80 35.23 -5.60 0.72
C TYR E 80 35.09 -4.19 1.30
N LEU E 81 36.11 -3.78 2.04
CA LEU E 81 36.18 -2.42 2.57
C LEU E 81 37.66 -2.08 2.72
N GLN E 82 38.20 -1.32 1.77
CA GLN E 82 39.59 -0.88 1.83
C GLN E 82 39.67 0.35 2.73
N MET E 83 40.28 0.20 3.89
CA MET E 83 40.33 1.27 4.90
C MET E 83 41.72 1.89 4.88
N ASN E 84 41.89 2.91 4.05
CA ASN E 84 43.14 3.65 3.97
C ASN E 84 43.08 4.87 4.87
N SER E 85 44.27 5.38 5.21
CA SER E 85 44.47 6.58 6.03
C SER E 85 43.72 6.51 7.36
N LEU E 86 43.90 5.37 8.03
CA LEU E 86 43.14 5.08 9.24
C LEU E 86 43.55 5.98 10.40
N LYS E 87 42.55 6.55 11.05
CA LYS E 87 42.66 7.42 12.21
C LYS E 87 42.23 6.67 13.47
N PRO E 88 42.66 7.12 14.67
CA PRO E 88 42.26 6.42 15.91
C PRO E 88 40.77 6.38 16.21
N GLU E 89 39.97 7.35 15.74
CA GLU E 89 38.52 7.24 15.93
C GLU E 89 37.89 6.12 15.10
N ASP E 90 38.60 5.59 14.11
CA ASP E 90 38.12 4.46 13.34
C ASP E 90 38.30 3.12 14.06
N THR E 91 38.82 3.12 15.29
CA THR E 91 38.95 1.91 16.08
C THR E 91 37.56 1.43 16.48
N ALA E 92 37.08 0.38 15.83
CA ALA E 92 35.74 -0.14 16.09
C ALA E 92 35.62 -1.57 15.60
N VAL E 93 34.55 -2.22 16.03
CA VAL E 93 34.18 -3.54 15.51
C VAL E 93 33.37 -3.32 14.23
N TYR E 94 33.95 -3.69 13.10
CA TYR E 94 33.33 -3.45 11.80
C TYR E 94 32.52 -4.67 11.40
N TYR E 95 31.22 -4.47 11.22
CA TYR E 95 30.31 -5.52 10.78
C TYR E 95 29.87 -5.25 9.34
N CYS E 96 29.80 -6.31 8.54
CA CYS E 96 29.13 -6.22 7.25
C CYS E 96 27.66 -6.56 7.45
N ALA E 97 26.80 -5.60 7.14
CA ALA E 97 25.36 -5.73 7.32
C ALA E 97 24.68 -5.85 5.97
N ARG E 98 23.83 -6.85 5.83
CA ARG E 98 23.05 -7.01 4.61
C ARG E 98 21.69 -6.35 4.80
N CYS E 99 21.23 -5.63 3.78
CA CYS E 99 19.90 -5.06 3.83
C CYS E 99 18.87 -6.19 3.87
N PRO E 100 17.79 -6.05 4.66
CA PRO E 100 16.90 -7.20 4.91
C PRO E 100 16.20 -7.77 3.69
N ALA E 101 15.80 -6.94 2.73
CA ALA E 101 15.00 -7.44 1.63
C ALA E 101 15.71 -7.24 0.31
N PRO E 102 15.61 -8.19 -0.63
CA PRO E 102 16.27 -8.01 -1.92
C PRO E 102 15.50 -7.04 -2.81
N PHE E 103 16.24 -6.48 -3.78
CA PHE E 103 15.72 -5.56 -4.80
C PHE E 103 15.04 -4.35 -4.19
N THR E 104 15.61 -3.83 -3.09
CA THR E 104 15.03 -2.72 -2.36
C THR E 104 16.02 -1.58 -2.29
N ARG E 105 15.55 -0.37 -2.62
CA ARG E 105 16.38 0.81 -2.44
C ARG E 105 16.52 1.18 -0.97
N ASP E 106 15.51 0.88 -0.16
CA ASP E 106 15.58 1.15 1.26
C ASP E 106 16.38 0.07 1.98
N CYS E 107 17.09 0.49 3.02
CA CYS E 107 17.92 -0.40 3.83
C CYS E 107 17.63 -0.12 5.29
N PHE E 108 16.66 -0.83 5.85
CA PHE E 108 16.22 -0.58 7.22
C PHE E 108 17.01 -1.42 8.22
N ASP E 109 17.25 -0.84 9.39
CA ASP E 109 17.61 -1.52 10.63
C ASP E 109 18.97 -2.19 10.62
N VAL E 110 19.85 -1.86 9.69
CA VAL E 110 21.18 -2.46 9.69
C VAL E 110 22.04 -1.98 10.85
N THR E 111 21.70 -0.83 11.44
CA THR E 111 22.42 -0.31 12.59
C THR E 111 21.72 -0.65 13.90
N SER E 112 20.73 -1.54 13.87
CA SER E 112 20.03 -1.94 15.08
C SER E 112 20.92 -2.82 15.94
N THR E 113 20.62 -2.82 17.25
CA THR E 113 21.44 -3.57 18.21
C THR E 113 21.39 -5.07 17.96
N THR E 114 20.22 -5.61 17.68
CA THR E 114 20.03 -7.05 17.49
C THR E 114 19.62 -7.38 16.06
N TYR E 115 20.25 -6.74 15.09
CA TYR E 115 19.98 -7.01 13.68
C TYR E 115 20.46 -8.40 13.29
N ALA E 116 19.72 -9.03 12.38
CA ALA E 116 19.90 -10.43 12.05
C ALA E 116 20.90 -10.68 10.93
N TYR E 117 20.76 -9.95 9.81
CA TYR E 117 21.61 -10.17 8.65
C TYR E 117 22.88 -9.33 8.73
N ARG E 118 23.61 -9.58 9.82
CA ARG E 118 24.84 -8.88 10.10
C ARG E 118 25.79 -9.86 10.75
N GLY E 119 27.05 -9.81 10.33
CA GLY E 119 28.03 -10.75 10.85
C GLY E 119 28.43 -10.45 12.28
N GLN E 120 29.25 -11.35 12.83
CA GLN E 120 29.75 -11.18 14.18
C GLN E 120 30.79 -10.07 14.28
N GLY E 121 31.36 -9.64 13.16
CA GLY E 121 32.24 -8.49 13.13
C GLY E 121 33.70 -8.86 13.32
N THR E 122 34.56 -7.94 12.93
CA THR E 122 36.00 -8.06 13.13
C THR E 122 36.49 -6.81 13.84
N GLN E 123 37.46 -7.00 14.73
CA GLN E 123 37.98 -5.90 15.54
C GLN E 123 39.08 -5.19 14.76
N VAL E 124 38.84 -3.92 14.46
CA VAL E 124 39.85 -3.05 13.85
C VAL E 124 40.31 -2.08 14.92
N THR E 125 41.58 -2.17 15.30
CA THR E 125 42.16 -1.32 16.33
C THR E 125 43.22 -0.44 15.69
N VAL E 126 42.96 0.86 15.65
CA VAL E 126 43.88 1.83 15.08
C VAL E 126 44.51 2.57 16.25
N SER E 127 45.73 2.19 16.63
CA SER E 127 46.40 2.80 17.76
C SER E 127 47.90 2.80 17.52
N SER E 128 48.59 3.70 18.21
CA SER E 128 50.03 3.82 18.07
C SER E 128 50.75 2.75 18.89
#